data_3QP8
#
_entry.id   3QP8
#
_cell.length_a   76.461
_cell.length_b   71.613
_cell.length_c   77.737
_cell.angle_alpha   90.00
_cell.angle_beta   114.58
_cell.angle_gamma   90.00
#
_symmetry.space_group_name_H-M   'P 1 21 1'
#
loop_
_entity.id
_entity.type
_entity.pdbx_description
1 polymer 'CviR transcriptional regulator'
2 non-polymer N-[(3S)-2-oxotetrahydrofuran-3-yl]decanamide
3 water water
#
_entity_poly.entity_id   1
_entity_poly.type   'polypeptide(L)'
_entity_poly.pdbx_seq_one_letter_code
;GSHMNARPLPAGLTASQQWTLLEWIHMAGHIETEGELKAFLDNILSQAPSDRIILVLGRLNNQNQIQRMEKVLNVSYPSD
WLNQYSQENFAQHDPIMRIHLGQGPVIWEERFSRAKGSEEKRFIAEASSNGMGSGITFSAASDRNNVGSILSIGGKEPGR
NAALVAMLNCLTPHLHQAAVRIAN
;
_entity_poly.pdbx_strand_id   A,B,C,D
#
# COMPACT_ATOMS: atom_id res chain seq x y z
N ALA A 6 -8.63 -27.10 -3.32
CA ALA A 6 -9.47 -25.90 -3.70
C ALA A 6 -10.95 -26.24 -3.70
N ARG A 7 -11.75 -25.38 -3.05
CA ARG A 7 -13.18 -25.63 -2.99
C ARG A 7 -13.78 -25.62 -4.39
N PRO A 8 -14.82 -26.42 -4.65
CA PRO A 8 -15.31 -26.52 -6.00
C PRO A 8 -16.06 -25.26 -6.43
N LEU A 9 -16.09 -24.97 -7.73
CA LEU A 9 -16.95 -23.93 -8.22
C LEU A 9 -18.40 -24.25 -7.87
N PRO A 10 -19.20 -23.22 -7.57
CA PRO A 10 -20.62 -23.49 -7.28
C PRO A 10 -21.33 -24.07 -8.50
N ALA A 11 -22.24 -25.01 -8.25
CA ALA A 11 -23.05 -25.56 -9.35
C ALA A 11 -24.38 -24.85 -9.41
N GLY A 12 -24.96 -24.76 -10.60
CA GLY A 12 -26.29 -24.23 -10.74
C GLY A 12 -26.39 -22.71 -10.85
N LEU A 13 -25.25 -22.02 -10.92
CA LEU A 13 -25.30 -20.56 -11.20
C LEU A 13 -25.75 -20.29 -12.63
N THR A 14 -26.45 -19.17 -12.83
CA THR A 14 -26.74 -18.74 -14.19
C THR A 14 -25.45 -18.25 -14.84
N ALA A 15 -25.50 -18.06 -16.16
CA ALA A 15 -24.31 -17.61 -16.90
C ALA A 15 -23.88 -16.24 -16.39
N SER A 16 -24.86 -15.38 -16.07
CA SER A 16 -24.52 -14.04 -15.60
C SER A 16 -23.95 -14.06 -14.18
N GLN A 17 -24.47 -14.93 -13.32
CA GLN A 17 -23.88 -15.17 -11.99
C GLN A 17 -22.46 -15.69 -12.08
N GLN A 18 -22.21 -16.66 -12.94
CA GLN A 18 -20.85 -17.17 -13.18
C GLN A 18 -19.92 -16.05 -13.60
N TRP A 19 -20.39 -15.20 -14.53
CA TRP A 19 -19.57 -14.10 -15.03
C TRP A 19 -19.26 -13.12 -13.90
N THR A 20 -20.26 -12.81 -13.09
CA THR A 20 -20.10 -11.94 -11.91
C THR A 20 -19.00 -12.47 -10.96
N LEU A 21 -19.07 -13.77 -10.67
CA LEU A 21 -18.09 -14.42 -9.80
C LEU A 21 -16.70 -14.36 -10.42
N LEU A 22 -16.62 -14.64 -11.71
CA LEU A 22 -15.31 -14.58 -12.40
C LEU A 22 -14.72 -13.16 -12.33
N GLU A 23 -15.54 -12.15 -12.61
CA GLU A 23 -15.08 -10.76 -12.47
C GLU A 23 -14.54 -10.51 -11.06
N TRP A 24 -15.26 -10.94 -10.06
CA TRP A 24 -14.81 -10.72 -8.66
C TRP A 24 -13.48 -11.43 -8.34
N ILE A 25 -13.39 -12.69 -8.71
CA ILE A 25 -12.13 -13.45 -8.46
C ILE A 25 -10.98 -12.82 -9.22
N HIS A 26 -11.22 -12.45 -10.48
CA HIS A 26 -10.16 -11.82 -11.28
C HIS A 26 -9.67 -10.53 -10.62
N MET A 27 -10.61 -9.68 -10.20
CA MET A 27 -10.27 -8.44 -9.53
C MET A 27 -9.54 -8.72 -8.21
N ALA A 28 -10.07 -9.64 -7.42
CA ALA A 28 -9.46 -9.93 -6.12
C ALA A 28 -7.98 -10.33 -6.27
N GLY A 29 -7.67 -11.10 -7.33
CA GLY A 29 -6.31 -11.57 -7.57
C GLY A 29 -5.33 -10.47 -7.94
N HIS A 30 -5.82 -9.24 -8.13
CA HIS A 30 -4.97 -8.09 -8.44
C HIS A 30 -4.78 -7.15 -7.25
N ILE A 31 -5.49 -7.40 -6.16
CA ILE A 31 -5.38 -6.50 -4.98
C ILE A 31 -3.99 -6.61 -4.36
N GLU A 32 -3.33 -5.46 -4.16
CA GLU A 32 -1.97 -5.42 -3.54
C GLU A 32 -1.91 -4.55 -2.30
N THR A 33 -2.95 -3.75 -2.07
CA THR A 33 -2.94 -2.81 -0.96
C THR A 33 -4.20 -2.89 -0.12
N GLU A 34 -4.08 -2.38 1.10
CA GLU A 34 -5.18 -2.39 2.06
C GLU A 34 -6.35 -1.54 1.58
N GLY A 35 -6.04 -0.37 1.01
CA GLY A 35 -7.04 0.52 0.44
C GLY A 35 -7.85 -0.16 -0.64
N GLU A 36 -7.14 -0.96 -1.44
CA GLU A 36 -7.77 -1.71 -2.53
C GLU A 36 -8.70 -2.79 -2.02
N LEU A 37 -8.27 -3.50 -0.99
CA LEU A 37 -9.12 -4.55 -0.43
C LEU A 37 -10.39 -3.94 0.18
N LYS A 38 -10.24 -2.86 0.93
CA LYS A 38 -11.37 -2.19 1.55
C LYS A 38 -12.34 -1.71 0.51
N ALA A 39 -11.83 -1.06 -0.54
CA ALA A 39 -12.68 -0.51 -1.59
C ALA A 39 -13.39 -1.66 -2.30
N PHE A 40 -12.66 -2.74 -2.53
CA PHE A 40 -13.25 -3.89 -3.22
C PHE A 40 -14.41 -4.49 -2.41
N LEU A 41 -14.20 -4.70 -1.11
CA LEU A 41 -15.24 -5.28 -0.26
C LEU A 41 -16.45 -4.36 -0.15
N ASP A 42 -16.21 -3.07 0.04
CA ASP A 42 -17.29 -2.12 0.25
C ASP A 42 -18.10 -1.94 -1.02
N ASN A 43 -17.43 -1.75 -2.15
CA ASN A 43 -18.12 -1.54 -3.44
C ASN A 43 -18.90 -2.77 -3.94
N ILE A 44 -18.40 -3.97 -3.67
CA ILE A 44 -19.08 -5.16 -4.17
C ILE A 44 -19.98 -5.83 -3.14
N LEU A 45 -19.62 -5.77 -1.86
CA LEU A 45 -20.38 -6.50 -0.84
C LEU A 45 -21.50 -5.72 -0.22
N SER A 46 -21.29 -4.42 -0.03
CA SER A 46 -22.39 -3.54 0.33
C SER A 46 -23.35 -3.42 -0.87
N GLN A 47 -23.56 -4.54 -1.56
CA GLN A 47 -24.72 -4.73 -2.44
C GLN A 47 -25.94 -4.43 -1.57
N ALA A 48 -25.74 -4.55 -0.26
CA ALA A 48 -26.80 -4.48 0.75
C ALA A 48 -27.06 -3.04 1.23
N PRO A 49 -27.97 -2.89 2.23
CA PRO A 49 -28.10 -1.63 2.95
C PRO A 49 -27.32 -1.65 4.27
N SER A 50 -28.02 -1.94 5.37
CA SER A 50 -27.44 -1.96 6.71
C SER A 50 -26.81 -3.30 7.10
N ASP A 51 -26.20 -3.96 6.11
CA ASP A 51 -25.39 -5.13 6.41
C ASP A 51 -23.99 -4.68 6.84
N ARG A 52 -23.44 -5.41 7.81
CA ARG A 52 -22.22 -5.02 8.49
C ARG A 52 -21.14 -6.02 8.09
N ILE A 53 -20.03 -5.53 7.54
CA ILE A 53 -19.03 -6.40 6.92
C ILE A 53 -17.63 -6.21 7.49
N ILE A 54 -16.94 -7.31 7.79
CA ILE A 54 -15.57 -7.26 8.27
C ILE A 54 -14.80 -8.46 7.71
N LEU A 55 -13.50 -8.27 7.49
CA LEU A 55 -12.61 -9.39 7.18
C LEU A 55 -11.54 -9.44 8.24
N VAL A 56 -11.25 -10.64 8.76
CA VAL A 56 -10.20 -10.80 9.78
C VAL A 56 -9.22 -11.87 9.35
N LEU A 57 -7.94 -11.52 9.32
CA LEU A 57 -6.86 -12.46 8.99
C LEU A 57 -6.18 -12.82 10.29
N GLY A 58 -5.99 -14.12 10.53
CA GLY A 58 -5.35 -14.56 11.77
C GLY A 58 -4.42 -15.76 11.63
N ARG A 59 -3.54 -15.94 12.63
CA ARG A 59 -2.78 -17.19 12.75
C ARG A 59 -3.68 -18.23 13.41
N LEU A 60 -3.59 -19.48 12.94
CA LEU A 60 -4.51 -20.53 13.39
C LEU A 60 -3.87 -21.51 14.36
N ASN A 61 -4.70 -22.04 15.25
CA ASN A 61 -4.28 -23.13 16.12
C ASN A 61 -4.42 -24.45 15.37
N ASN A 62 -4.09 -25.57 15.99
CA ASN A 62 -4.14 -26.83 15.28
C ASN A 62 -5.54 -27.37 14.96
N GLN A 63 -6.58 -26.67 15.40
CA GLN A 63 -7.93 -27.01 14.95
C GLN A 63 -8.52 -25.92 14.08
N ASN A 64 -7.62 -25.20 13.40
CA ASN A 64 -7.98 -24.21 12.40
C ASN A 64 -8.78 -23.02 12.91
N GLN A 65 -8.63 -22.73 14.20
CA GLN A 65 -9.29 -21.59 14.83
C GLN A 65 -8.31 -20.42 14.95
N ILE A 66 -8.81 -19.20 14.79
CA ILE A 66 -7.96 -18.03 14.98
C ILE A 66 -7.45 -17.97 16.41
N GLN A 67 -6.12 -17.96 16.56
CA GLN A 67 -5.50 -17.85 17.89
C GLN A 67 -4.85 -16.47 18.10
N ARG A 68 -4.60 -15.76 17.00
CA ARG A 68 -4.08 -14.39 17.04
C ARG A 68 -4.56 -13.63 15.82
N MET A 69 -5.16 -12.46 16.02
CA MET A 69 -5.63 -11.64 14.90
C MET A 69 -4.48 -10.81 14.36
N GLU A 70 -4.18 -10.99 13.08
CA GLU A 70 -3.05 -10.30 12.43
C GLU A 70 -3.48 -9.01 11.76
N LYS A 71 -4.67 -9.05 11.15
CA LYS A 71 -5.20 -7.87 10.45
C LYS A 71 -6.71 -7.87 10.55
N VAL A 72 -7.26 -6.80 11.06
CA VAL A 72 -8.69 -6.58 10.99
C VAL A 72 -8.93 -5.57 9.88
N LEU A 73 -9.80 -5.94 8.94
CA LEU A 73 -10.10 -5.09 7.82
C LEU A 73 -11.58 -4.74 7.93
N ASN A 74 -11.90 -3.66 8.62
CA ASN A 74 -13.30 -3.28 8.78
C ASN A 74 -13.86 -2.67 7.48
N VAL A 75 -15.09 -3.05 7.15
CA VAL A 75 -15.81 -2.42 6.04
C VAL A 75 -16.96 -1.60 6.59
N SER A 76 -17.83 -2.25 7.36
CA SER A 76 -19.04 -1.60 7.88
C SER A 76 -19.57 -2.18 9.19
N TYR A 77 -18.69 -2.78 10.00
CA TYR A 77 -19.04 -3.07 11.40
C TYR A 77 -19.15 -1.75 12.12
N PRO A 78 -20.15 -1.60 13.00
CA PRO A 78 -20.32 -0.32 13.69
C PRO A 78 -19.09 0.04 14.52
N SER A 79 -18.65 1.29 14.44
CA SER A 79 -17.52 1.78 15.25
C SER A 79 -17.68 1.39 16.71
N ASP A 80 -18.89 1.61 17.24
CA ASP A 80 -19.18 1.41 18.64
C ASP A 80 -19.09 -0.05 19.06
N TRP A 81 -19.58 -0.95 18.19
CA TRP A 81 -19.54 -2.39 18.45
C TRP A 81 -18.09 -2.89 18.46
N LEU A 82 -17.28 -2.40 17.52
CA LEU A 82 -15.86 -2.75 17.44
C LEU A 82 -15.08 -2.26 18.64
N ASN A 83 -15.39 -1.04 19.08
CA ASN A 83 -14.86 -0.49 20.31
C ASN A 83 -15.16 -1.43 21.50
N GLN A 84 -16.44 -1.76 21.67
CA GLN A 84 -16.85 -2.64 22.76
C GLN A 84 -16.22 -4.03 22.68
N TYR A 85 -16.26 -4.62 21.48
CA TYR A 85 -15.71 -5.95 21.24
C TYR A 85 -14.22 -5.99 21.62
N SER A 86 -13.46 -4.99 21.18
CA SER A 86 -12.05 -4.88 21.51
C SER A 86 -11.80 -4.58 22.99
N GLN A 87 -12.56 -3.64 23.56
CA GLN A 87 -12.36 -3.21 24.95
C GLN A 87 -12.73 -4.28 25.98
N GLU A 88 -13.74 -5.09 25.67
CA GLU A 88 -14.25 -6.11 26.60
C GLU A 88 -13.80 -7.54 26.26
N ASN A 89 -12.86 -7.64 25.31
CA ASN A 89 -12.24 -8.91 24.90
C ASN A 89 -13.26 -10.01 24.51
N PHE A 90 -14.20 -9.62 23.66
CA PHE A 90 -15.28 -10.51 23.24
C PHE A 90 -14.81 -11.71 22.40
N ALA A 91 -13.62 -11.61 21.80
CA ALA A 91 -13.09 -12.69 20.95
C ALA A 91 -13.08 -14.04 21.68
N GLN A 92 -12.81 -13.99 22.99
CA GLN A 92 -12.86 -15.14 23.90
C GLN A 92 -14.20 -15.88 23.92
N HIS A 93 -15.29 -15.15 23.75
CA HIS A 93 -16.62 -15.69 24.03
C HIS A 93 -17.52 -15.73 22.81
N ASP A 94 -17.01 -15.26 21.68
CA ASP A 94 -17.76 -15.21 20.43
C ASP A 94 -17.67 -16.57 19.72
N PRO A 95 -18.82 -17.26 19.58
CA PRO A 95 -18.78 -18.57 18.91
C PRO A 95 -18.28 -18.50 17.47
N ILE A 96 -18.44 -17.35 16.83
CA ILE A 96 -17.97 -17.22 15.45
C ILE A 96 -16.43 -17.32 15.39
N MET A 97 -15.76 -16.90 16.46
CA MET A 97 -14.30 -17.00 16.53
C MET A 97 -13.79 -18.43 16.76
N ARG A 98 -14.73 -19.34 16.98
CA ARG A 98 -14.39 -20.76 17.16
C ARG A 98 -14.53 -21.58 15.88
N ILE A 99 -14.86 -20.95 14.75
CA ILE A 99 -15.01 -21.69 13.48
C ILE A 99 -13.70 -22.35 13.06
N HIS A 100 -13.84 -23.53 12.45
CA HIS A 100 -12.73 -24.25 11.81
C HIS A 100 -12.59 -23.60 10.43
N LEU A 101 -11.64 -22.66 10.32
CA LEU A 101 -11.54 -21.89 9.06
C LEU A 101 -11.32 -22.79 7.86
N GLY A 102 -12.09 -22.54 6.81
CA GLY A 102 -12.09 -23.39 5.61
C GLY A 102 -13.38 -24.16 5.45
N GLN A 103 -14.17 -24.25 6.52
CA GLN A 103 -15.51 -24.87 6.40
C GLN A 103 -16.42 -24.03 5.53
N GLY A 104 -17.53 -24.63 5.10
CA GLY A 104 -18.56 -23.90 4.36
C GLY A 104 -19.14 -22.77 5.21
N PRO A 105 -20.04 -21.97 4.62
CA PRO A 105 -20.61 -20.83 5.34
C PRO A 105 -21.27 -21.21 6.65
N VAL A 106 -21.06 -20.38 7.66
CA VAL A 106 -21.61 -20.58 8.99
C VAL A 106 -22.67 -19.51 9.27
N ILE A 107 -23.92 -19.96 9.37
CA ILE A 107 -25.01 -19.05 9.70
C ILE A 107 -25.03 -18.87 11.22
N TRP A 108 -25.02 -17.60 11.67
CA TRP A 108 -24.79 -17.31 13.09
C TRP A 108 -25.85 -17.90 14.03
N GLU A 109 -27.11 -17.84 13.60
CA GLU A 109 -28.25 -18.35 14.39
C GLU A 109 -28.04 -19.81 14.78
N GLU A 110 -27.69 -20.62 13.78
CA GLU A 110 -27.43 -22.04 13.95
C GLU A 110 -26.29 -22.30 14.94
N ARG A 111 -25.21 -21.53 14.81
CA ARG A 111 -24.06 -21.66 15.68
C ARG A 111 -24.40 -21.16 17.09
N PHE A 112 -25.09 -20.02 17.17
CA PHE A 112 -25.48 -19.42 18.46
C PHE A 112 -26.35 -20.34 19.32
N SER A 113 -27.33 -20.98 18.69
CA SER A 113 -28.26 -21.87 19.39
C SER A 113 -27.56 -23.10 20.00
N ARG A 114 -26.42 -23.47 19.44
CA ARG A 114 -25.67 -24.63 19.91
C ARG A 114 -24.63 -24.30 20.99
N ALA A 115 -24.51 -23.03 21.38
CA ALA A 115 -23.49 -22.62 22.36
C ALA A 115 -23.92 -22.92 23.80
N LYS A 116 -23.02 -23.54 24.55
CA LYS A 116 -23.32 -24.04 25.91
C LYS A 116 -22.77 -23.17 27.04
N GLY A 117 -21.55 -22.67 26.89
CA GLY A 117 -20.90 -21.84 27.89
C GLY A 117 -21.72 -20.62 28.25
N SER A 118 -21.73 -20.26 29.54
CA SER A 118 -22.52 -19.13 30.03
C SER A 118 -21.98 -17.79 29.52
N GLU A 119 -20.68 -17.77 29.23
CA GLU A 119 -20.02 -16.60 28.63
C GLU A 119 -20.52 -16.41 27.21
N GLU A 120 -20.59 -17.50 26.45
CA GLU A 120 -21.09 -17.49 25.07
C GLU A 120 -22.49 -16.86 25.02
N LYS A 121 -23.39 -17.37 25.85
CA LYS A 121 -24.78 -16.88 25.92
C LYS A 121 -24.87 -15.39 26.26
N ARG A 122 -23.98 -14.93 27.14
CA ARG A 122 -23.90 -13.51 27.50
C ARG A 122 -23.46 -12.66 26.29
N PHE A 123 -22.47 -13.15 25.54
CA PHE A 123 -22.01 -12.45 24.34
C PHE A 123 -23.14 -12.32 23.31
N ILE A 124 -23.86 -13.42 23.08
CA ILE A 124 -24.92 -13.46 22.07
C ILE A 124 -26.02 -12.42 22.32
N ALA A 125 -26.44 -12.29 23.58
CA ALA A 125 -27.45 -11.30 23.96
C ALA A 125 -26.96 -9.87 23.67
N GLU A 126 -25.70 -9.61 23.99
CA GLU A 126 -25.06 -8.31 23.75
C GLU A 126 -24.94 -8.00 22.26
N ALA A 127 -24.54 -8.99 21.46
CA ALA A 127 -24.48 -8.82 20.00
C ALA A 127 -25.85 -8.50 19.44
N SER A 128 -26.88 -9.22 19.92
CA SER A 128 -28.25 -9.05 19.45
C SER A 128 -28.76 -7.61 19.66
N SER A 129 -28.62 -7.10 20.89
CA SER A 129 -29.05 -5.72 21.20
C SER A 129 -28.20 -4.66 20.48
N ASN A 130 -27.14 -5.09 19.80
CA ASN A 130 -26.30 -4.19 19.02
C ASN A 130 -26.48 -4.37 17.50
N GLY A 131 -27.51 -5.14 17.13
CA GLY A 131 -27.83 -5.37 15.72
C GLY A 131 -26.94 -6.42 15.06
N MET A 132 -26.20 -7.16 15.89
CA MET A 132 -25.25 -8.16 15.41
C MET A 132 -25.72 -9.58 15.73
N GLY A 133 -27.03 -9.76 15.82
CA GLY A 133 -27.61 -11.03 16.24
C GLY A 133 -27.71 -12.07 15.14
N SER A 134 -27.75 -11.64 13.89
CA SER A 134 -27.84 -12.54 12.75
C SER A 134 -26.87 -12.17 11.65
N GLY A 135 -26.34 -13.21 11.00
CA GLY A 135 -25.31 -13.02 9.99
C GLY A 135 -24.77 -14.35 9.48
N ILE A 136 -23.69 -14.25 8.72
CA ILE A 136 -23.09 -15.41 8.05
C ILE A 136 -21.58 -15.16 7.98
N THR A 137 -20.80 -16.23 8.15
CA THR A 137 -19.35 -16.11 8.08
C THR A 137 -18.75 -17.15 7.13
N PHE A 138 -17.97 -16.63 6.18
CA PHE A 138 -17.24 -17.46 5.22
C PHE A 138 -15.79 -17.49 5.67
N SER A 139 -15.07 -18.52 5.25
CA SER A 139 -13.70 -18.67 5.74
C SER A 139 -12.80 -19.44 4.79
N ALA A 140 -11.49 -19.24 4.97
CA ALA A 140 -10.50 -19.96 4.19
C ALA A 140 -9.20 -20.02 4.98
N ALA A 141 -8.44 -21.09 4.73
CA ALA A 141 -7.12 -21.26 5.37
C ALA A 141 -6.05 -21.55 4.31
N SER A 142 -4.79 -21.26 4.64
CA SER A 142 -3.70 -21.50 3.70
C SER A 142 -2.38 -21.78 4.42
N ASP A 143 -1.33 -22.00 3.62
CA ASP A 143 0.03 -22.23 4.12
C ASP A 143 0.04 -23.38 5.14
N ARG A 144 -0.41 -24.56 4.70
CA ARG A 144 -0.48 -25.74 5.58
C ARG A 144 -1.36 -25.46 6.81
N ASN A 145 -2.43 -24.69 6.62
CA ASN A 145 -3.35 -24.30 7.71
C ASN A 145 -2.73 -23.43 8.82
N ASN A 146 -1.65 -22.72 8.50
CA ASN A 146 -0.98 -21.80 9.43
C ASN A 146 -1.76 -20.50 9.65
N VAL A 147 -2.43 -20.04 8.60
CA VAL A 147 -3.13 -18.77 8.66
C VAL A 147 -4.49 -18.93 8.01
N GLY A 148 -5.43 -18.03 8.31
CA GLY A 148 -6.73 -18.09 7.61
C GLY A 148 -7.47 -16.79 7.80
N SER A 149 -8.53 -16.60 7.03
CA SER A 149 -9.34 -15.40 7.16
C SER A 149 -10.81 -15.76 7.31
N ILE A 150 -11.52 -14.92 8.04
CA ILE A 150 -12.99 -14.94 7.97
C ILE A 150 -13.55 -13.68 7.29
N LEU A 151 -14.59 -13.86 6.48
CA LEU A 151 -15.37 -12.76 5.94
C LEU A 151 -16.72 -12.89 6.62
N SER A 152 -17.04 -11.91 7.46
CA SER A 152 -18.27 -11.90 8.23
C SER A 152 -19.21 -10.83 7.74
N ILE A 153 -20.47 -11.20 7.58
CA ILE A 153 -21.50 -10.28 7.13
C ILE A 153 -22.69 -10.38 8.06
N GLY A 154 -22.93 -9.32 8.83
CA GLY A 154 -24.07 -9.25 9.73
C GLY A 154 -25.22 -8.62 8.97
N GLY A 155 -26.44 -9.03 9.29
CA GLY A 155 -27.61 -8.53 8.58
C GLY A 155 -28.86 -9.38 8.76
N LYS A 156 -29.92 -8.97 8.05
CA LYS A 156 -31.29 -9.45 8.28
C LYS A 156 -31.48 -10.96 8.22
N GLU A 157 -31.46 -11.54 7.03
CA GLU A 157 -31.52 -13.00 6.89
C GLU A 157 -30.36 -13.56 6.05
N PRO A 158 -29.32 -14.03 6.75
CA PRO A 158 -28.00 -14.53 6.32
C PRO A 158 -27.93 -15.25 4.96
N GLY A 159 -28.48 -16.45 4.89
CA GLY A 159 -28.27 -17.31 3.74
C GLY A 159 -29.41 -17.33 2.73
N ARG A 160 -30.28 -16.32 2.79
CA ARG A 160 -31.47 -16.25 1.92
C ARG A 160 -31.15 -16.44 0.45
N ASN A 161 -30.17 -15.68 -0.02
CA ASN A 161 -29.88 -15.59 -1.44
C ASN A 161 -28.87 -16.67 -1.77
N ALA A 162 -29.35 -17.86 -2.13
CA ALA A 162 -28.46 -19.06 -2.25
C ALA A 162 -27.30 -18.87 -3.24
N ALA A 163 -27.60 -18.30 -4.39
CA ALA A 163 -26.54 -18.05 -5.38
C ALA A 163 -25.49 -17.10 -4.84
N LEU A 164 -25.92 -15.96 -4.28
CA LEU A 164 -24.93 -15.03 -3.72
C LEU A 164 -24.06 -15.64 -2.60
N VAL A 165 -24.68 -16.42 -1.72
CA VAL A 165 -23.95 -17.10 -0.67
C VAL A 165 -22.91 -18.05 -1.28
N ALA A 166 -23.31 -18.84 -2.28
CA ALA A 166 -22.36 -19.74 -2.93
C ALA A 166 -21.23 -18.97 -3.62
N MET A 167 -21.57 -17.84 -4.26
CA MET A 167 -20.53 -17.01 -4.89
C MET A 167 -19.54 -16.44 -3.90
N LEU A 168 -20.05 -15.92 -2.78
CA LEU A 168 -19.18 -15.35 -1.75
C LEU A 168 -18.31 -16.43 -1.10
N ASN A 169 -18.88 -17.61 -0.91
CA ASN A 169 -18.08 -18.73 -0.39
C ASN A 169 -16.92 -19.05 -1.33
N CYS A 170 -17.18 -19.00 -2.63
CA CYS A 170 -16.16 -19.33 -3.61
C CYS A 170 -15.11 -18.25 -3.68
N LEU A 171 -15.56 -16.99 -3.54
CA LEU A 171 -14.63 -15.86 -3.58
C LEU A 171 -13.68 -15.79 -2.40
N THR A 172 -14.13 -16.30 -1.26
CA THR A 172 -13.41 -16.10 0.02
C THR A 172 -11.93 -16.49 0.03
N PRO A 173 -11.56 -17.65 -0.54
CA PRO A 173 -10.10 -17.95 -0.54
C PRO A 173 -9.24 -16.86 -1.21
N HIS A 174 -9.83 -16.18 -2.22
CA HIS A 174 -9.11 -15.14 -2.95
C HIS A 174 -9.00 -13.86 -2.14
N LEU A 175 -10.02 -13.59 -1.34
CA LEU A 175 -9.96 -12.46 -0.40
C LEU A 175 -8.90 -12.73 0.68
N HIS A 176 -8.86 -13.98 1.13
CA HIS A 176 -7.82 -14.43 2.06
C HIS A 176 -6.43 -14.22 1.47
N GLN A 177 -6.21 -14.64 0.23
CA GLN A 177 -4.86 -14.45 -0.35
C GLN A 177 -4.53 -12.96 -0.49
N ALA A 178 -5.52 -12.14 -0.81
CA ALA A 178 -5.28 -10.69 -0.86
C ALA A 178 -4.87 -10.17 0.51
N ALA A 179 -5.58 -10.58 1.55
CA ALA A 179 -5.22 -10.13 2.91
C ALA A 179 -3.79 -10.54 3.29
N VAL A 180 -3.43 -11.77 2.95
CA VAL A 180 -2.07 -12.25 3.18
C VAL A 180 -1.04 -11.37 2.47
N ARG A 181 -1.32 -10.98 1.23
CA ARG A 181 -0.39 -10.13 0.48
C ARG A 181 -0.19 -8.80 1.17
N ILE A 182 -1.29 -8.24 1.66
CA ILE A 182 -1.23 -6.90 2.28
C ILE A 182 -0.54 -6.94 3.64
N ALA A 183 -0.67 -8.05 4.33
CA ALA A 183 -0.23 -8.16 5.72
C ALA A 183 1.20 -8.64 5.86
N ASN A 184 1.80 -9.14 4.77
CA ASN A 184 3.14 -9.70 4.85
C ASN A 184 4.26 -8.71 4.57
N GLY B 1 -7.28 1.78 -8.43
CA GLY B 1 -6.44 0.77 -7.73
C GLY B 1 -6.16 -0.42 -8.63
N SER B 2 -5.25 -1.30 -8.19
CA SER B 2 -4.83 -2.44 -9.02
C SER B 2 -5.96 -3.41 -9.37
N HIS B 3 -6.92 -3.58 -8.46
CA HIS B 3 -8.07 -4.45 -8.72
C HIS B 3 -8.96 -3.91 -9.81
N MET B 4 -9.07 -2.58 -9.88
CA MET B 4 -9.86 -1.96 -10.94
C MET B 4 -9.14 -2.03 -12.31
N ASN B 5 -7.80 -1.98 -12.29
CA ASN B 5 -7.03 -1.96 -13.53
C ASN B 5 -6.69 -3.34 -14.05
N ALA B 6 -7.25 -4.36 -13.39
CA ALA B 6 -7.14 -5.72 -13.88
C ALA B 6 -7.47 -5.78 -15.37
N ARG B 7 -6.66 -6.50 -16.14
CA ARG B 7 -6.91 -6.56 -17.60
C ARG B 7 -8.31 -7.10 -17.88
N PRO B 8 -8.97 -6.54 -18.89
CA PRO B 8 -10.37 -6.92 -19.10
C PRO B 8 -10.56 -8.37 -19.49
N LEU B 9 -11.65 -8.98 -18.99
CA LEU B 9 -11.97 -10.35 -19.37
C LEU B 9 -12.40 -10.42 -20.84
N PRO B 10 -12.24 -11.60 -21.48
CA PRO B 10 -12.55 -11.71 -22.90
C PRO B 10 -14.05 -11.62 -23.17
N ALA B 11 -14.41 -10.96 -24.27
CA ALA B 11 -15.78 -10.93 -24.71
C ALA B 11 -15.95 -12.03 -25.76
N GLY B 12 -17.16 -12.56 -25.85
CA GLY B 12 -17.48 -13.55 -26.87
C GLY B 12 -16.99 -14.98 -26.66
N LEU B 13 -16.59 -15.33 -25.44
CA LEU B 13 -16.28 -16.72 -25.11
C LEU B 13 -17.53 -17.58 -25.11
N THR B 14 -17.36 -18.84 -25.46
CA THR B 14 -18.49 -19.78 -25.37
C THR B 14 -18.76 -20.05 -23.90
N ALA B 15 -19.91 -20.64 -23.60
CA ALA B 15 -20.24 -21.04 -22.24
C ALA B 15 -19.18 -21.97 -21.66
N SER B 16 -18.72 -22.89 -22.50
CA SER B 16 -17.67 -23.84 -22.12
C SER B 16 -16.38 -23.10 -21.77
N GLN B 17 -15.97 -22.19 -22.65
CA GLN B 17 -14.77 -21.36 -22.42
C GLN B 17 -14.86 -20.47 -21.19
N GLN B 18 -16.02 -19.85 -20.95
CA GLN B 18 -16.23 -19.04 -19.75
C GLN B 18 -16.06 -19.89 -18.50
N TRP B 19 -16.62 -21.10 -18.52
CA TRP B 19 -16.51 -21.99 -17.37
C TRP B 19 -15.08 -22.40 -17.14
N THR B 20 -14.40 -22.79 -18.22
CA THR B 20 -12.99 -23.12 -18.14
C THR B 20 -12.17 -21.98 -17.57
N LEU B 21 -12.40 -20.76 -18.05
CA LEU B 21 -11.57 -19.64 -17.55
C LEU B 21 -11.78 -19.41 -16.04
N LEU B 22 -13.02 -19.56 -15.60
CA LEU B 22 -13.36 -19.42 -14.18
C LEU B 22 -12.65 -20.52 -13.38
N GLU B 23 -12.72 -21.77 -13.85
CA GLU B 23 -11.96 -22.87 -13.22
C GLU B 23 -10.47 -22.51 -13.11
N TRP B 24 -9.90 -22.06 -14.23
CA TRP B 24 -8.47 -21.78 -14.28
C TRP B 24 -8.06 -20.73 -13.26
N ILE B 25 -8.80 -19.61 -13.23
CA ILE B 25 -8.39 -18.49 -12.36
C ILE B 25 -8.68 -18.85 -10.89
N HIS B 26 -9.78 -19.56 -10.65
CA HIS B 26 -10.08 -20.02 -9.29
C HIS B 26 -8.96 -20.95 -8.79
N MET B 27 -8.61 -21.94 -9.60
CA MET B 27 -7.56 -22.88 -9.20
C MET B 27 -6.20 -22.19 -9.03
N ALA B 28 -5.84 -21.32 -9.94
CA ALA B 28 -4.54 -20.66 -9.87
C ALA B 28 -4.36 -19.93 -8.53
N GLY B 29 -5.46 -19.34 -8.04
CA GLY B 29 -5.43 -18.62 -6.78
C GLY B 29 -5.24 -19.48 -5.55
N HIS B 30 -5.23 -20.81 -5.73
CA HIS B 30 -4.92 -21.75 -4.63
C HIS B 30 -3.50 -22.35 -4.67
N ILE B 31 -2.76 -22.10 -5.75
CA ILE B 31 -1.41 -22.67 -5.95
C ILE B 31 -0.44 -22.05 -4.95
N GLU B 32 0.25 -22.90 -4.18
CA GLU B 32 1.17 -22.42 -3.15
C GLU B 32 2.60 -22.94 -3.36
N THR B 33 2.75 -24.01 -4.14
CA THR B 33 4.06 -24.66 -4.29
C THR B 33 4.45 -24.83 -5.73
N GLU B 34 5.74 -25.02 -5.94
CA GLU B 34 6.29 -25.30 -7.25
C GLU B 34 5.62 -26.51 -7.86
N GLY B 35 5.48 -27.57 -7.05
CA GLY B 35 4.89 -28.81 -7.51
C GLY B 35 3.48 -28.61 -8.03
N GLU B 36 2.70 -27.82 -7.30
CA GLU B 36 1.31 -27.53 -7.69
C GLU B 36 1.25 -26.70 -8.95
N LEU B 37 2.14 -25.72 -9.07
CA LEU B 37 2.16 -24.88 -10.27
C LEU B 37 2.46 -25.72 -11.51
N LYS B 38 3.49 -26.56 -11.41
CA LYS B 38 3.85 -27.39 -12.53
C LYS B 38 2.75 -28.37 -12.93
N ALA B 39 2.10 -28.99 -11.95
CA ALA B 39 1.00 -29.92 -12.18
C ALA B 39 -0.20 -29.21 -12.79
N PHE B 40 -0.47 -28.00 -12.31
CA PHE B 40 -1.59 -27.24 -12.81
C PHE B 40 -1.39 -26.94 -14.30
N LEU B 41 -0.21 -26.42 -14.64
CA LEU B 41 0.10 -26.06 -16.02
C LEU B 41 0.18 -27.28 -16.93
N ASP B 42 0.75 -28.37 -16.42
CA ASP B 42 0.67 -29.67 -17.10
C ASP B 42 -0.79 -30.01 -17.40
N ASN B 43 -1.63 -29.96 -16.36
CA ASN B 43 -3.03 -30.36 -16.47
C ASN B 43 -3.83 -29.51 -17.44
N ILE B 44 -3.70 -28.19 -17.36
CA ILE B 44 -4.53 -27.34 -18.22
C ILE B 44 -3.88 -27.00 -19.58
N LEU B 45 -2.56 -27.08 -19.67
CA LEU B 45 -1.87 -26.63 -20.90
C LEU B 45 -1.12 -27.70 -21.69
N SER B 46 -0.58 -28.71 -21.01
CA SER B 46 0.19 -29.74 -21.73
C SER B 46 -0.67 -30.55 -22.72
N GLN B 47 -0.11 -30.82 -23.89
CA GLN B 47 -0.89 -31.34 -25.01
C GLN B 47 -0.20 -32.45 -25.79
N ALA B 48 1.14 -32.43 -25.82
CA ALA B 48 1.89 -33.26 -26.77
C ALA B 48 3.38 -33.28 -26.42
N PRO B 49 4.09 -34.31 -26.91
CA PRO B 49 5.54 -34.37 -26.67
C PRO B 49 6.32 -33.13 -27.15
N SER B 50 5.80 -32.42 -28.15
CA SER B 50 6.50 -31.30 -28.76
C SER B 50 6.25 -30.01 -27.97
N ASP B 51 5.39 -30.06 -26.94
CA ASP B 51 5.10 -28.87 -26.10
C ASP B 51 6.38 -28.19 -25.61
N ARG B 52 6.33 -26.86 -25.50
CA ARG B 52 7.41 -26.07 -24.92
C ARG B 52 6.77 -25.00 -24.04
N ILE B 53 6.68 -25.29 -22.74
CA ILE B 53 6.02 -24.37 -21.79
C ILE B 53 6.93 -24.03 -20.61
N ILE B 54 7.00 -22.75 -20.25
CA ILE B 54 7.79 -22.31 -19.10
C ILE B 54 7.18 -21.05 -18.49
N LEU B 55 7.38 -20.91 -17.18
CA LEU B 55 6.99 -19.68 -16.48
C LEU B 55 8.23 -19.17 -15.76
N VAL B 56 8.50 -17.88 -15.91
CA VAL B 56 9.69 -17.26 -15.27
C VAL B 56 9.22 -16.02 -14.52
N LEU B 57 9.61 -15.98 -13.24
CA LEU B 57 9.40 -14.81 -12.38
C LEU B 57 10.69 -14.04 -12.34
N GLY B 58 10.61 -12.73 -12.56
CA GLY B 58 11.83 -11.94 -12.63
C GLY B 58 11.72 -10.61 -11.89
N ARG B 59 12.89 -10.07 -11.55
CA ARG B 59 13.04 -8.71 -10.99
C ARG B 59 13.14 -7.75 -12.18
N LEU B 60 12.37 -6.66 -12.14
CA LEU B 60 12.23 -5.77 -13.28
C LEU B 60 12.97 -4.43 -13.20
N ASN B 61 13.38 -3.97 -14.38
CA ASN B 61 13.96 -2.64 -14.51
C ASN B 61 12.89 -1.58 -14.71
N ASN B 62 13.35 -0.34 -14.93
CA ASN B 62 12.43 0.76 -15.14
C ASN B 62 11.58 0.72 -16.41
N GLN B 63 11.76 -0.30 -17.25
CA GLN B 63 10.91 -0.49 -18.43
C GLN B 63 10.12 -1.80 -18.31
N ASN B 64 10.02 -2.31 -17.09
CA ASN B 64 9.35 -3.57 -16.79
C ASN B 64 9.92 -4.77 -17.54
N GLN B 65 11.22 -4.72 -17.81
CA GLN B 65 11.91 -5.86 -18.42
C GLN B 65 12.59 -6.65 -17.33
N ILE B 66 12.68 -7.96 -17.55
CA ILE B 66 13.35 -8.83 -16.58
C ILE B 66 14.84 -8.55 -16.59
N GLN B 67 15.35 -8.15 -15.43
CA GLN B 67 16.79 -7.91 -15.22
C GLN B 67 17.51 -9.09 -14.59
N ARG B 68 16.77 -9.88 -13.81
CA ARG B 68 17.28 -11.02 -13.07
C ARG B 68 16.15 -12.01 -12.88
N MET B 69 16.38 -13.27 -13.23
CA MET B 69 15.38 -14.28 -12.99
C MET B 69 15.42 -14.65 -11.51
N GLU B 70 14.26 -14.56 -10.88
CA GLU B 70 14.09 -14.92 -9.47
C GLU B 70 13.73 -16.39 -9.35
N LYS B 71 12.85 -16.84 -10.24
CA LYS B 71 12.41 -18.23 -10.17
C LYS B 71 12.02 -18.71 -11.56
N VAL B 72 12.57 -19.87 -11.93
CA VAL B 72 12.25 -20.52 -13.18
C VAL B 72 11.40 -21.75 -12.89
N LEU B 73 10.22 -21.78 -13.50
CA LEU B 73 9.23 -22.82 -13.26
C LEU B 73 8.99 -23.54 -14.58
N ASN B 74 9.82 -24.53 -14.86
CA ASN B 74 9.77 -25.20 -16.14
C ASN B 74 8.64 -26.21 -16.19
N VAL B 75 8.00 -26.34 -17.36
CA VAL B 75 7.02 -27.38 -17.54
C VAL B 75 7.53 -28.33 -18.61
N SER B 76 7.94 -27.78 -19.74
CA SER B 76 8.37 -28.64 -20.85
C SER B 76 9.48 -28.10 -21.77
N TYR B 77 10.19 -27.06 -21.37
CA TYR B 77 11.42 -26.72 -22.09
C TYR B 77 12.39 -27.87 -21.82
N PRO B 78 13.15 -28.30 -22.86
CA PRO B 78 14.07 -29.40 -22.60
C PRO B 78 15.06 -29.04 -21.47
N SER B 79 15.31 -30.01 -20.59
CA SER B 79 16.27 -29.80 -19.52
C SER B 79 17.59 -29.24 -20.02
N ASP B 80 18.14 -29.80 -21.09
CA ASP B 80 19.44 -29.35 -21.54
C ASP B 80 19.44 -28.01 -22.26
N TRP B 81 18.28 -27.61 -22.75
CA TRP B 81 18.13 -26.30 -23.32
C TRP B 81 18.35 -25.23 -22.25
N LEU B 82 17.78 -25.46 -21.08
CA LEU B 82 18.00 -24.53 -19.96
C LEU B 82 19.47 -24.48 -19.56
N ASN B 83 20.13 -25.64 -19.55
CA ASN B 83 21.56 -25.66 -19.26
C ASN B 83 22.29 -24.80 -20.27
N GLN B 84 21.96 -25.00 -21.55
CA GLN B 84 22.63 -24.28 -22.62
C GLN B 84 22.37 -22.78 -22.52
N TYR B 85 21.13 -22.44 -22.20
CA TYR B 85 20.68 -21.07 -22.09
C TYR B 85 21.50 -20.36 -21.02
N SER B 86 21.73 -21.04 -19.91
CA SER B 86 22.59 -20.53 -18.81
C SER B 86 24.05 -20.45 -19.20
N GLN B 87 24.56 -21.56 -19.71
CA GLN B 87 25.97 -21.74 -20.05
C GLN B 87 26.42 -20.73 -21.12
N GLU B 88 25.55 -20.45 -22.08
CA GLU B 88 25.86 -19.59 -23.23
C GLU B 88 25.29 -18.16 -23.08
N ASN B 89 24.78 -17.83 -21.90
CA ASN B 89 24.25 -16.49 -21.60
C ASN B 89 23.21 -16.01 -22.65
N PHE B 90 22.30 -16.90 -23.02
CA PHE B 90 21.33 -16.56 -24.07
C PHE B 90 20.40 -15.40 -23.71
N ALA B 91 20.24 -15.13 -22.42
CA ALA B 91 19.37 -14.04 -21.97
C ALA B 91 19.76 -12.71 -22.60
N GLN B 92 21.02 -12.59 -23.00
CA GLN B 92 21.48 -11.35 -23.62
C GLN B 92 21.12 -11.26 -25.10
N HIS B 93 20.81 -12.40 -25.72
CA HIS B 93 20.54 -12.45 -27.16
C HIS B 93 19.09 -12.79 -27.47
N ASP B 94 18.36 -13.31 -26.48
CA ASP B 94 16.97 -13.76 -26.66
C ASP B 94 16.01 -12.55 -26.76
N PRO B 95 15.41 -12.29 -27.94
CA PRO B 95 14.51 -11.13 -28.08
C PRO B 95 13.32 -11.15 -27.11
N ILE B 96 12.90 -12.35 -26.71
CA ILE B 96 11.77 -12.50 -25.82
C ILE B 96 12.10 -11.96 -24.43
N MET B 97 13.38 -11.96 -24.04
CA MET B 97 13.75 -11.40 -22.74
C MET B 97 13.72 -9.87 -22.73
N ARG B 98 13.47 -9.26 -23.88
CA ARG B 98 13.40 -7.80 -23.93
C ARG B 98 11.96 -7.28 -23.82
N ILE B 99 10.99 -8.18 -23.69
CA ILE B 99 9.59 -7.75 -23.65
C ILE B 99 9.31 -6.89 -22.41
N HIS B 100 8.40 -5.94 -22.56
CA HIS B 100 7.97 -5.11 -21.44
C HIS B 100 6.79 -5.80 -20.77
N LEU B 101 7.04 -6.41 -19.61
CA LEU B 101 6.02 -7.19 -18.93
C LEU B 101 4.81 -6.36 -18.59
N GLY B 102 3.65 -6.92 -18.89
CA GLY B 102 2.39 -6.24 -18.56
C GLY B 102 1.73 -5.70 -19.79
N GLN B 103 2.47 -5.71 -20.89
CA GLN B 103 1.83 -5.49 -22.16
C GLN B 103 1.13 -6.79 -22.55
N GLY B 104 0.50 -6.75 -23.71
CA GLY B 104 -0.27 -7.83 -24.19
C GLY B 104 0.64 -8.95 -24.64
N PRO B 105 0.05 -10.03 -25.12
CA PRO B 105 0.81 -11.19 -25.56
C PRO B 105 1.74 -10.81 -26.70
N VAL B 106 2.90 -11.46 -26.76
CA VAL B 106 3.91 -11.16 -27.77
C VAL B 106 4.12 -12.41 -28.61
N ILE B 107 3.81 -12.33 -29.89
CA ILE B 107 4.09 -13.46 -30.79
C ILE B 107 5.57 -13.41 -31.18
N TRP B 108 6.26 -14.54 -31.04
CA TRP B 108 7.73 -14.54 -31.19
C TRP B 108 8.17 -14.11 -32.58
N GLU B 109 7.40 -14.54 -33.57
CA GLU B 109 7.64 -14.26 -34.98
C GLU B 109 7.92 -12.79 -35.23
N GLU B 110 7.13 -11.92 -34.59
CA GLU B 110 7.23 -10.46 -34.77
C GLU B 110 8.53 -9.89 -34.23
N ARG B 111 9.06 -10.52 -33.18
CA ARG B 111 10.34 -10.10 -32.61
C ARG B 111 11.50 -10.76 -33.36
N PHE B 112 11.33 -12.03 -33.73
CA PHE B 112 12.39 -12.79 -34.40
C PHE B 112 12.70 -12.22 -35.79
N SER B 113 11.65 -11.80 -36.50
CA SER B 113 11.80 -11.20 -37.84
C SER B 113 12.58 -9.87 -37.82
N ARG B 114 12.52 -9.16 -36.70
CA ARG B 114 13.18 -7.87 -36.54
C ARG B 114 14.62 -7.99 -36.04
N ALA B 115 15.12 -9.22 -35.98
CA ALA B 115 16.51 -9.48 -35.58
C ALA B 115 17.48 -8.84 -36.55
N LYS B 116 18.52 -8.23 -36.00
CA LYS B 116 19.57 -7.65 -36.82
C LYS B 116 20.89 -8.33 -36.54
N GLY B 117 21.17 -8.54 -35.25
CA GLY B 117 22.45 -9.10 -34.83
C GLY B 117 22.65 -10.51 -35.33
N SER B 118 23.86 -10.80 -35.80
CA SER B 118 24.23 -12.16 -36.16
C SER B 118 24.04 -13.09 -34.98
N GLU B 119 24.35 -12.59 -33.78
CA GLU B 119 24.23 -13.36 -32.55
C GLU B 119 22.77 -13.59 -32.16
N GLU B 120 21.92 -12.59 -32.36
CA GLU B 120 20.48 -12.75 -32.17
C GLU B 120 19.98 -13.81 -33.13
N LYS B 121 20.41 -13.72 -34.39
CA LYS B 121 20.07 -14.68 -35.41
C LYS B 121 20.55 -16.09 -35.05
N ARG B 122 21.75 -16.20 -34.48
CA ARG B 122 22.29 -17.50 -34.04
C ARG B 122 21.43 -18.12 -32.95
N PHE B 123 21.06 -17.31 -31.95
CA PHE B 123 20.15 -17.76 -30.90
C PHE B 123 18.83 -18.27 -31.46
N ILE B 124 18.24 -17.50 -32.38
CA ILE B 124 16.96 -17.89 -33.00
C ILE B 124 17.07 -19.22 -33.77
N ALA B 125 18.16 -19.39 -34.53
CA ALA B 125 18.45 -20.68 -35.18
C ALA B 125 18.55 -21.83 -34.18
N GLU B 126 19.26 -21.60 -33.08
CA GLU B 126 19.42 -22.62 -32.05
C GLU B 126 18.06 -22.96 -31.41
N ALA B 127 17.32 -21.92 -31.03
CA ALA B 127 15.97 -22.11 -30.49
C ALA B 127 15.10 -22.92 -31.44
N SER B 128 15.15 -22.59 -32.74
CA SER B 128 14.37 -23.30 -33.76
C SER B 128 14.74 -24.79 -33.83
N SER B 129 16.04 -25.08 -33.71
CA SER B 129 16.51 -26.48 -33.71
C SER B 129 16.13 -27.24 -32.42
N ASN B 130 15.51 -26.51 -31.49
CA ASN B 130 14.99 -27.10 -30.25
C ASN B 130 13.46 -26.96 -30.11
N GLY B 131 12.77 -26.73 -31.23
CA GLY B 131 11.31 -26.66 -31.28
C GLY B 131 10.73 -25.34 -30.81
N MET B 132 11.58 -24.32 -30.74
CA MET B 132 11.16 -23.02 -30.20
C MET B 132 11.37 -21.87 -31.20
N GLY B 133 11.17 -22.16 -32.49
CA GLY B 133 11.28 -21.12 -33.52
C GLY B 133 10.04 -20.24 -33.64
N SER B 134 8.95 -20.68 -33.00
CA SER B 134 7.68 -19.91 -32.98
C SER B 134 7.07 -20.05 -31.60
N GLY B 135 6.22 -19.10 -31.26
CA GLY B 135 5.52 -19.20 -29.99
C GLY B 135 4.91 -17.88 -29.55
N ILE B 136 4.52 -17.84 -28.29
CA ILE B 136 3.83 -16.66 -27.73
C ILE B 136 4.19 -16.54 -26.26
N THR B 137 4.36 -15.30 -25.80
CA THR B 137 4.67 -15.06 -24.39
C THR B 137 3.67 -14.09 -23.79
N PHE B 138 3.00 -14.54 -22.73
CA PHE B 138 2.09 -13.71 -21.93
C PHE B 138 2.86 -13.13 -20.76
N SER B 139 2.40 -12.00 -20.22
CA SER B 139 3.15 -11.44 -19.11
C SER B 139 2.25 -10.65 -18.16
N ALA B 140 2.73 -10.53 -16.91
CA ALA B 140 2.07 -9.69 -15.92
C ALA B 140 3.10 -9.19 -14.94
N ALA B 141 2.87 -7.99 -14.39
CA ALA B 141 3.80 -7.45 -13.42
C ALA B 141 3.01 -6.95 -12.21
N SER B 142 3.60 -7.04 -11.02
CA SER B 142 2.99 -6.41 -9.85
C SER B 142 3.11 -4.90 -9.99
N ASP B 143 2.20 -4.19 -9.34
CA ASP B 143 2.26 -2.73 -9.32
C ASP B 143 3.17 -2.17 -8.23
N ARG B 144 3.19 -2.81 -7.05
CA ARG B 144 3.87 -2.26 -5.83
C ARG B 144 5.19 -2.92 -5.47
N ASN B 145 5.63 -3.85 -6.31
CA ASN B 145 6.97 -4.40 -6.18
C ASN B 145 7.40 -4.68 -7.60
N ASN B 146 8.68 -4.53 -7.90
CA ASN B 146 9.17 -4.61 -9.26
C ASN B 146 9.47 -6.04 -9.65
N VAL B 147 8.40 -6.84 -9.65
CA VAL B 147 8.51 -8.23 -10.08
C VAL B 147 7.39 -8.52 -11.09
N GLY B 148 7.69 -9.43 -12.00
CA GLY B 148 6.68 -9.82 -12.98
C GLY B 148 7.05 -11.19 -13.51
N SER B 149 6.05 -11.83 -14.11
CA SER B 149 6.26 -13.18 -14.69
C SER B 149 5.89 -13.23 -16.16
N ILE B 150 6.59 -14.10 -16.87
CA ILE B 150 6.26 -14.43 -18.26
C ILE B 150 5.87 -15.89 -18.35
N LEU B 151 4.86 -16.13 -19.18
CA LEU B 151 4.44 -17.51 -19.51
C LEU B 151 4.68 -17.68 -21.00
N SER B 152 5.61 -18.57 -21.36
CA SER B 152 5.95 -18.81 -22.74
C SER B 152 5.41 -20.15 -23.18
N ILE B 153 4.85 -20.17 -24.39
CA ILE B 153 4.33 -21.41 -24.98
C ILE B 153 4.80 -21.47 -26.41
N GLY B 154 5.57 -22.52 -26.72
CA GLY B 154 6.10 -22.72 -28.06
C GLY B 154 5.06 -23.20 -29.06
N GLY B 155 5.33 -22.92 -30.33
CA GLY B 155 4.52 -23.44 -31.43
C GLY B 155 3.63 -22.38 -32.02
N LYS B 156 3.20 -22.62 -33.27
CA LYS B 156 2.40 -21.66 -34.02
C LYS B 156 0.93 -21.68 -33.60
N GLU B 157 0.49 -22.84 -33.14
CA GLU B 157 -0.92 -23.12 -32.90
C GLU B 157 -1.59 -22.27 -31.81
N PRO B 158 -0.96 -22.15 -30.62
CA PRO B 158 -1.61 -21.39 -29.57
C PRO B 158 -2.00 -19.95 -29.99
N GLY B 159 -1.07 -19.24 -30.62
CA GLY B 159 -1.27 -17.84 -30.99
C GLY B 159 -2.35 -17.58 -32.02
N ARG B 160 -2.74 -18.64 -32.74
CA ARG B 160 -3.79 -18.56 -33.76
C ARG B 160 -5.18 -18.94 -33.22
N ASN B 161 -5.23 -19.35 -31.95
CA ASN B 161 -6.50 -19.66 -31.28
C ASN B 161 -6.87 -18.45 -30.42
N ALA B 162 -7.73 -17.60 -30.95
CA ALA B 162 -8.07 -16.31 -30.34
C ALA B 162 -8.61 -16.45 -28.91
N ALA B 163 -9.60 -17.34 -28.74
CA ALA B 163 -10.14 -17.62 -27.40
C ALA B 163 -9.07 -18.04 -26.40
N LEU B 164 -8.24 -19.02 -26.76
CA LEU B 164 -7.17 -19.49 -25.88
C LEU B 164 -6.22 -18.33 -25.54
N VAL B 165 -5.87 -17.51 -26.53
CA VAL B 165 -4.93 -16.39 -26.26
C VAL B 165 -5.54 -15.43 -25.23
N ALA B 166 -6.81 -15.10 -25.40
CA ALA B 166 -7.49 -14.19 -24.48
C ALA B 166 -7.59 -14.77 -23.08
N MET B 167 -7.95 -16.06 -23.00
CA MET B 167 -8.04 -16.80 -21.73
C MET B 167 -6.70 -16.87 -20.99
N LEU B 168 -5.66 -17.29 -21.71
CA LEU B 168 -4.32 -17.37 -21.11
C LEU B 168 -3.84 -16.01 -20.71
N ASN B 169 -4.15 -14.98 -21.51
CA ASN B 169 -3.74 -13.63 -21.13
C ASN B 169 -4.36 -13.23 -19.80
N CYS B 170 -5.65 -13.51 -19.62
CA CYS B 170 -6.32 -13.19 -18.34
C CYS B 170 -5.84 -14.06 -17.18
N LEU B 171 -5.42 -15.29 -17.48
CA LEU B 171 -4.92 -16.17 -16.42
C LEU B 171 -3.57 -15.72 -15.90
N THR B 172 -2.77 -15.14 -16.80
CA THR B 172 -1.37 -14.86 -16.50
C THR B 172 -1.10 -14.06 -15.19
N PRO B 173 -1.86 -12.97 -14.92
CA PRO B 173 -1.61 -12.25 -13.62
C PRO B 173 -1.79 -13.15 -12.41
N HIS B 174 -2.66 -14.17 -12.54
CA HIS B 174 -2.87 -15.10 -11.44
C HIS B 174 -1.70 -16.09 -11.32
N LEU B 175 -1.15 -16.51 -12.45
CA LEU B 175 0.07 -17.34 -12.43
C LEU B 175 1.24 -16.55 -11.83
N HIS B 176 1.28 -15.26 -12.12
CA HIS B 176 2.32 -14.42 -11.55
C HIS B 176 2.18 -14.36 -10.04
N GLN B 177 0.97 -14.11 -9.55
CA GLN B 177 0.84 -14.06 -8.07
C GLN B 177 1.16 -15.42 -7.44
N ALA B 178 0.84 -16.53 -8.11
CA ALA B 178 1.20 -17.84 -7.64
C ALA B 178 2.72 -17.95 -7.55
N ALA B 179 3.41 -17.51 -8.61
CA ALA B 179 4.88 -17.60 -8.66
C ALA B 179 5.49 -16.81 -7.52
N VAL B 180 4.92 -15.65 -7.22
CA VAL B 180 5.38 -14.86 -6.09
C VAL B 180 5.21 -15.62 -4.77
N ARG B 181 4.07 -16.29 -4.58
CA ARG B 181 3.88 -17.14 -3.37
C ARG B 181 4.93 -18.25 -3.31
N ILE B 182 5.23 -18.84 -4.47
CA ILE B 182 6.18 -19.96 -4.52
C ILE B 182 7.57 -19.47 -4.19
N ALA B 183 7.90 -18.26 -4.62
CA ALA B 183 9.26 -17.71 -4.48
C ALA B 183 9.54 -17.14 -3.11
N ASN B 184 8.48 -16.81 -2.38
CA ASN B 184 8.52 -16.10 -1.10
C ASN B 184 9.20 -16.91 0.00
N MET C 4 -6.57 12.78 3.80
CA MET C 4 -7.63 11.92 3.20
C MET C 4 -7.50 11.78 1.68
N ASN C 5 -7.36 12.91 0.99
CA ASN C 5 -7.29 12.91 -0.48
C ASN C 5 -5.87 12.85 -1.02
N ALA C 6 -4.99 12.13 -0.32
CA ALA C 6 -3.58 12.00 -0.72
C ALA C 6 -3.44 11.46 -2.14
N ARG C 7 -2.63 12.14 -2.96
CA ARG C 7 -2.38 11.66 -4.32
C ARG C 7 -1.79 10.26 -4.30
N PRO C 8 -2.14 9.43 -5.29
CA PRO C 8 -1.71 8.03 -5.31
C PRO C 8 -0.20 7.88 -5.45
N LEU C 9 0.34 6.87 -4.76
CA LEU C 9 1.75 6.55 -4.83
C LEU C 9 2.02 5.79 -6.16
N PRO C 10 3.25 5.89 -6.69
CA PRO C 10 3.52 5.34 -8.02
C PRO C 10 3.57 3.82 -8.09
N ALA C 11 3.17 3.31 -9.24
CA ALA C 11 3.36 1.91 -9.61
C ALA C 11 4.63 1.85 -10.45
N GLY C 12 5.29 0.69 -10.47
CA GLY C 12 6.37 0.45 -11.41
C GLY C 12 7.73 0.97 -11.02
N LEU C 13 7.86 1.44 -9.78
CA LEU C 13 9.16 1.86 -9.27
C LEU C 13 10.05 0.65 -9.04
N THR C 14 11.35 0.79 -9.24
CA THR C 14 12.26 -0.29 -8.91
C THR C 14 12.35 -0.33 -7.38
N ALA C 15 12.93 -1.40 -6.83
CA ALA C 15 13.13 -1.47 -5.37
C ALA C 15 13.95 -0.27 -4.90
N SER C 16 14.99 0.07 -5.66
CA SER C 16 15.83 1.23 -5.29
C SER C 16 15.03 2.55 -5.27
N GLN C 17 14.19 2.74 -6.29
CA GLN C 17 13.37 3.94 -6.41
C GLN C 17 12.33 4.01 -5.29
N GLN C 18 11.74 2.87 -4.94
CA GLN C 18 10.82 2.84 -3.79
C GLN C 18 11.49 3.27 -2.49
N TRP C 19 12.66 2.72 -2.24
CA TRP C 19 13.40 3.05 -1.01
C TRP C 19 13.75 4.53 -1.02
N THR C 20 14.19 5.03 -2.16
CA THR C 20 14.52 6.46 -2.29
C THR C 20 13.32 7.36 -2.01
N LEU C 21 12.16 7.00 -2.56
CA LEU C 21 10.97 7.81 -2.32
C LEU C 21 10.59 7.79 -0.84
N LEU C 22 10.71 6.63 -0.22
CA LEU C 22 10.45 6.49 1.22
C LEU C 22 11.39 7.41 2.01
N GLU C 23 12.68 7.35 1.66
CA GLU C 23 13.71 8.22 2.28
C GLU C 23 13.36 9.69 2.11
N TRP C 24 12.95 10.07 0.89
CA TRP C 24 12.62 11.47 0.63
C TRP C 24 11.46 11.98 1.47
N ILE C 25 10.38 11.21 1.51
CA ILE C 25 9.19 11.64 2.24
C ILE C 25 9.48 11.64 3.74
N HIS C 26 10.21 10.63 4.20
CA HIS C 26 10.61 10.56 5.60
C HIS C 26 11.44 11.79 5.98
N MET C 27 12.47 12.07 5.19
CA MET C 27 13.34 13.22 5.44
C MET C 27 12.58 14.55 5.37
N ALA C 28 11.73 14.71 4.37
CA ALA C 28 10.97 15.95 4.18
C ALA C 28 10.13 16.29 5.42
N GLY C 29 9.57 15.26 6.05
CA GLY C 29 8.78 15.38 7.26
C GLY C 29 9.57 15.87 8.47
N HIS C 30 10.89 15.88 8.34
CA HIS C 30 11.79 16.37 9.40
C HIS C 30 12.32 17.77 9.13
N ILE C 31 12.01 18.32 7.95
CA ILE C 31 12.50 19.67 7.56
C ILE C 31 11.78 20.76 8.36
N GLU C 32 12.55 21.62 9.03
CA GLU C 32 11.96 22.61 9.95
C GLU C 32 12.34 24.05 9.59
N THR C 33 13.37 24.20 8.76
CA THR C 33 13.99 25.52 8.50
C THR C 33 14.20 25.71 7.00
N GLU C 34 14.26 26.98 6.58
CA GLU C 34 14.50 27.31 5.17
C GLU C 34 15.86 26.75 4.69
N GLY C 35 16.88 26.87 5.53
CA GLY C 35 18.20 26.31 5.23
C GLY C 35 18.14 24.83 4.88
N GLU C 36 17.39 24.08 5.69
CA GLU C 36 17.24 22.63 5.48
C GLU C 36 16.50 22.28 4.19
N LEU C 37 15.47 23.05 3.88
CA LEU C 37 14.65 22.80 2.69
C LEU C 37 15.49 23.03 1.44
N LYS C 38 16.24 24.15 1.43
CA LYS C 38 17.11 24.45 0.30
C LYS C 38 18.19 23.38 0.10
N ALA C 39 18.81 22.97 1.21
CA ALA C 39 19.85 21.94 1.20
C ALA C 39 19.30 20.61 0.70
N PHE C 40 18.12 20.26 1.19
CA PHE C 40 17.46 19.02 0.77
C PHE C 40 17.16 19.02 -0.73
N LEU C 41 16.56 20.10 -1.22
CA LEU C 41 16.23 20.20 -2.65
C LEU C 41 17.47 20.26 -3.53
N ASP C 42 18.50 20.95 -3.07
CA ASP C 42 19.76 21.01 -3.79
C ASP C 42 20.42 19.63 -3.91
N ASN C 43 20.29 18.80 -2.88
CA ASN C 43 20.92 17.48 -2.87
C ASN C 43 20.17 16.37 -3.62
N ILE C 44 18.83 16.35 -3.53
CA ILE C 44 18.08 15.32 -4.24
C ILE C 44 17.91 15.63 -5.72
N LEU C 45 17.98 16.92 -6.05
CA LEU C 45 17.77 17.42 -7.40
C LEU C 45 18.84 18.42 -7.80
N SER C 46 19.00 18.62 -9.10
CA SER C 46 20.15 19.32 -9.68
C SER C 46 21.40 18.43 -9.60
N GLN C 47 21.17 17.12 -9.59
CA GLN C 47 22.22 16.13 -9.79
C GLN C 47 22.53 16.11 -11.28
N ALA C 48 21.58 16.63 -12.06
CA ALA C 48 21.86 17.25 -13.33
C ALA C 48 22.00 18.74 -13.01
N PRO C 49 23.24 19.20 -12.76
CA PRO C 49 23.51 20.54 -12.20
C PRO C 49 22.95 21.71 -13.01
N SER C 50 22.65 21.46 -14.29
CA SER C 50 22.16 22.51 -15.19
C SER C 50 20.70 22.89 -14.91
N ASP C 51 20.05 22.13 -14.03
CA ASP C 51 18.64 22.37 -13.71
C ASP C 51 18.48 23.59 -12.83
N ARG C 52 17.31 24.20 -12.91
CA ARG C 52 17.03 25.41 -12.12
C ARG C 52 15.76 25.17 -11.32
N ILE C 53 15.89 25.28 -9.99
CA ILE C 53 14.86 24.84 -9.07
C ILE C 53 14.38 25.99 -8.21
N ILE C 54 13.06 26.07 -8.01
CA ILE C 54 12.46 27.02 -7.08
C ILE C 54 11.22 26.38 -6.42
N LEU C 55 10.96 26.74 -5.16
CA LEU C 55 9.71 26.36 -4.49
C LEU C 55 9.01 27.62 -4.03
N VAL C 56 7.74 27.77 -4.40
CA VAL C 56 6.97 28.94 -4.02
C VAL C 56 5.74 28.56 -3.23
N LEU C 57 5.62 29.10 -2.01
CA LEU C 57 4.41 28.95 -1.21
C LEU C 57 3.56 30.20 -1.37
N GLY C 58 2.29 30.01 -1.74
CA GLY C 58 1.39 31.14 -2.00
C GLY C 58 0.03 31.04 -1.36
N ARG C 59 -0.57 32.22 -1.14
CA ARG C 59 -1.98 32.32 -0.77
C ARG C 59 -2.79 32.14 -2.04
N LEU C 60 -3.87 31.36 -1.95
CA LEU C 60 -4.64 30.97 -3.13
C LEU C 60 -5.97 31.69 -3.27
N ASN C 61 -6.41 31.87 -4.51
CA ASN C 61 -7.75 32.37 -4.79
C ASN C 61 -8.73 31.20 -4.84
N ASN C 62 -10.01 31.49 -5.06
CA ASN C 62 -11.02 30.43 -5.07
C ASN C 62 -10.89 29.43 -6.23
N GLN C 63 -9.93 29.67 -7.13
CA GLN C 63 -9.66 28.77 -8.24
C GLN C 63 -8.40 27.94 -7.95
N ASN C 64 -7.87 28.09 -6.73
CA ASN C 64 -6.65 27.42 -6.30
C ASN C 64 -5.41 27.85 -7.06
N GLN C 65 -5.44 29.09 -7.54
CA GLN C 65 -4.26 29.71 -8.15
C GLN C 65 -3.59 30.59 -7.12
N ILE C 66 -2.26 30.66 -7.17
CA ILE C 66 -1.52 31.59 -6.32
C ILE C 66 -1.91 33.02 -6.66
N GLN C 67 -2.45 33.71 -5.66
CA GLN C 67 -2.78 35.13 -5.83
C GLN C 67 -1.75 36.05 -5.16
N ARG C 68 -1.08 35.57 -4.12
CA ARG C 68 0.01 36.29 -3.47
C ARG C 68 1.04 35.33 -2.90
N MET C 69 2.31 35.60 -3.18
CA MET C 69 3.40 34.76 -2.69
C MET C 69 3.74 35.02 -1.22
N GLU C 70 3.71 33.96 -0.43
CA GLU C 70 4.02 34.02 1.01
C GLU C 70 5.50 33.82 1.26
N LYS C 71 6.07 32.75 0.68
CA LYS C 71 7.49 32.48 0.80
C LYS C 71 8.05 32.00 -0.52
N VAL C 72 9.16 32.60 -0.94
CA VAL C 72 9.91 32.13 -2.10
C VAL C 72 11.20 31.48 -1.62
N LEU C 73 11.33 30.18 -1.89
CA LEU C 73 12.51 29.42 -1.56
C LEU C 73 13.26 29.08 -2.83
N ASN C 74 14.20 29.94 -3.19
CA ASN C 74 14.98 29.74 -4.39
C ASN C 74 16.15 28.82 -4.14
N VAL C 75 16.30 27.82 -4.99
CA VAL C 75 17.45 26.94 -4.91
C VAL C 75 18.46 27.34 -5.99
N SER C 76 17.99 27.46 -7.22
CA SER C 76 18.88 27.72 -8.34
C SER C 76 18.27 28.46 -9.55
N TYR C 77 17.17 29.18 -9.36
CA TYR C 77 16.77 30.13 -10.40
C TYR C 77 17.82 31.26 -10.40
N PRO C 78 18.28 31.67 -11.60
CA PRO C 78 19.27 32.75 -11.69
C PRO C 78 18.73 34.11 -11.24
N SER C 79 19.60 34.91 -10.63
CA SER C 79 19.21 36.24 -10.19
C SER C 79 18.71 37.15 -11.29
N ASP C 80 19.36 37.12 -12.47
CA ASP C 80 18.94 37.96 -13.60
C ASP C 80 17.51 37.64 -14.02
N TRP C 81 17.17 36.35 -14.00
CA TRP C 81 15.81 35.90 -14.33
C TRP C 81 14.77 36.34 -13.31
N LEU C 82 15.04 36.12 -12.03
CA LEU C 82 14.17 36.60 -10.96
C LEU C 82 13.96 38.11 -11.06
N ASN C 83 15.03 38.85 -11.33
CA ASN C 83 14.90 40.31 -11.44
C ASN C 83 14.05 40.70 -12.65
N GLN C 84 14.28 40.04 -13.79
CA GLN C 84 13.50 40.30 -15.00
C GLN C 84 12.04 39.95 -14.80
N TYR C 85 11.79 38.80 -14.16
CA TYR C 85 10.43 38.33 -13.86
C TYR C 85 9.66 39.36 -13.04
N SER C 86 10.36 39.93 -12.06
CA SER C 86 9.82 40.96 -11.20
C SER C 86 9.45 42.21 -11.98
N GLN C 87 10.41 42.73 -12.75
CA GLN C 87 10.23 44.04 -13.41
C GLN C 87 9.22 44.01 -14.55
N GLU C 88 9.09 42.85 -15.19
CA GLU C 88 8.15 42.69 -16.30
C GLU C 88 6.79 42.22 -15.82
N ASN C 89 6.66 42.07 -14.49
CA ASN C 89 5.48 41.48 -13.86
C ASN C 89 5.01 40.21 -14.60
N PHE C 90 5.97 39.33 -14.87
CA PHE C 90 5.67 38.12 -15.63
C PHE C 90 4.66 37.19 -15.00
N ALA C 91 4.41 37.35 -13.70
CA ALA C 91 3.38 36.53 -13.02
C ALA C 91 2.02 36.67 -13.68
N GLN C 92 1.77 37.82 -14.30
CA GLN C 92 0.52 38.09 -15.00
C GLN C 92 0.38 37.28 -16.28
N HIS C 93 1.52 36.92 -16.88
CA HIS C 93 1.54 36.36 -18.24
C HIS C 93 2.10 34.96 -18.33
N ASP C 94 2.80 34.51 -17.29
CA ASP C 94 3.38 33.20 -17.24
C ASP C 94 2.29 32.15 -17.05
N PRO C 95 2.08 31.29 -18.07
CA PRO C 95 1.04 30.24 -17.96
C PRO C 95 1.23 29.34 -16.76
N ILE C 96 2.47 29.18 -16.31
CA ILE C 96 2.74 28.34 -15.16
C ILE C 96 2.15 28.94 -13.87
N MET C 97 2.02 30.27 -13.81
CA MET C 97 1.32 30.92 -12.69
C MET C 97 -0.20 30.81 -12.78
N ARG C 98 -0.72 30.48 -13.95
CA ARG C 98 -2.17 30.25 -14.09
C ARG C 98 -2.59 28.90 -13.52
N ILE C 99 -1.61 28.05 -13.18
CA ILE C 99 -1.91 26.66 -12.80
C ILE C 99 -2.86 26.60 -11.60
N HIS C 100 -3.81 25.68 -11.68
CA HIS C 100 -4.65 25.40 -10.54
C HIS C 100 -3.92 24.38 -9.69
N LEU C 101 -3.40 24.82 -8.54
CA LEU C 101 -2.75 23.92 -7.60
C LEU C 101 -3.77 22.94 -6.99
N GLY C 102 -3.43 21.67 -6.77
CA GLY C 102 -2.39 20.97 -7.46
C GLY C 102 -3.06 19.94 -8.35
N GLN C 103 -3.23 20.31 -9.62
CA GLN C 103 -3.38 19.33 -10.69
C GLN C 103 -2.06 18.55 -10.71
N GLY C 104 -1.98 17.51 -11.51
CA GLY C 104 -0.74 16.76 -11.65
C GLY C 104 0.36 17.64 -12.25
N PRO C 105 1.52 17.03 -12.53
CA PRO C 105 2.66 17.76 -13.07
C PRO C 105 2.32 18.46 -14.38
N VAL C 106 2.81 19.69 -14.52
CA VAL C 106 2.60 20.48 -15.72
C VAL C 106 3.94 20.62 -16.44
N ILE C 107 3.99 20.04 -17.64
CA ILE C 107 5.16 20.19 -18.50
C ILE C 107 5.08 21.53 -19.21
N TRP C 108 6.11 22.36 -19.06
CA TRP C 108 6.04 23.73 -19.56
C TRP C 108 5.76 23.82 -21.05
N GLU C 109 6.49 23.01 -21.83
CA GLU C 109 6.37 22.98 -23.28
C GLU C 109 4.91 22.82 -23.73
N GLU C 110 4.18 21.95 -23.05
CA GLU C 110 2.79 21.65 -23.40
C GLU C 110 1.86 22.81 -23.05
N ARG C 111 2.10 23.44 -21.90
CA ARG C 111 1.28 24.55 -21.45
C ARG C 111 1.53 25.80 -22.28
N PHE C 112 2.80 26.01 -22.64
CA PHE C 112 3.23 27.12 -23.48
C PHE C 112 2.60 27.07 -24.88
N SER C 113 2.57 25.88 -25.47
CA SER C 113 2.01 25.70 -26.81
C SER C 113 0.52 26.04 -26.87
N ARG C 114 -0.15 25.97 -25.72
CA ARG C 114 -1.60 26.20 -25.63
C ARG C 114 -1.95 27.67 -25.35
N ALA C 115 -0.94 28.44 -24.92
CA ALA C 115 -1.14 29.83 -24.50
C ALA C 115 -1.51 30.78 -25.64
N LYS C 116 -2.48 31.66 -25.38
CA LYS C 116 -2.91 32.64 -26.35
C LYS C 116 -2.54 34.01 -25.84
N GLY C 117 -2.34 34.94 -26.76
CA GLY C 117 -2.06 36.32 -26.38
C GLY C 117 -0.62 36.71 -26.63
N SER C 118 -0.44 37.94 -27.11
CA SER C 118 0.88 38.47 -27.43
C SER C 118 1.78 38.52 -26.22
N GLU C 119 1.23 38.92 -25.08
CA GLU C 119 2.00 39.04 -23.84
C GLU C 119 2.45 37.67 -23.33
N GLU C 120 1.61 36.65 -23.54
CA GLU C 120 1.95 35.29 -23.16
C GLU C 120 3.09 34.76 -24.03
N LYS C 121 3.00 35.00 -25.34
CA LYS C 121 4.03 34.57 -26.29
C LYS C 121 5.34 35.33 -26.06
N ARG C 122 5.23 36.61 -25.73
CA ARG C 122 6.41 37.41 -25.38
C ARG C 122 7.13 36.81 -24.20
N PHE C 123 6.38 36.42 -23.17
CA PHE C 123 6.97 35.75 -22.00
C PHE C 123 7.70 34.48 -22.38
N ILE C 124 7.04 33.63 -23.18
CA ILE C 124 7.62 32.35 -23.56
C ILE C 124 8.95 32.55 -24.29
N ALA C 125 8.97 33.54 -25.20
CA ALA C 125 10.19 33.90 -25.93
C ALA C 125 11.30 34.32 -24.98
N GLU C 126 10.96 35.18 -24.01
CA GLU C 126 11.91 35.63 -22.98
C GLU C 126 12.41 34.48 -22.09
N ALA C 127 11.49 33.60 -21.70
CA ALA C 127 11.87 32.42 -20.92
C ALA C 127 12.83 31.53 -21.72
N SER C 128 12.50 31.29 -22.99
CA SER C 128 13.36 30.49 -23.87
C SER C 128 14.74 31.11 -23.99
N SER C 129 14.78 32.43 -24.22
CA SER C 129 16.00 33.21 -24.32
C SER C 129 16.89 33.10 -23.07
N ASN C 130 16.27 32.89 -21.90
CA ASN C 130 17.00 32.82 -20.64
C ASN C 130 17.19 31.41 -20.10
N GLY C 131 17.03 30.42 -20.98
CA GLY C 131 17.22 29.02 -20.60
C GLY C 131 16.11 28.43 -19.75
N MET C 132 14.93 29.04 -19.82
CA MET C 132 13.77 28.61 -19.04
C MET C 132 12.63 28.15 -19.94
N GLY C 133 12.99 27.68 -21.13
CA GLY C 133 12.01 27.26 -22.15
C GLY C 133 11.37 25.91 -21.87
N SER C 134 12.07 25.07 -21.11
CA SER C 134 11.54 23.75 -20.80
C SER C 134 11.67 23.43 -19.32
N GLY C 135 10.71 22.67 -18.81
CA GLY C 135 10.68 22.32 -17.39
C GLY C 135 9.37 21.68 -16.98
N ILE C 136 9.19 21.54 -15.67
CA ILE C 136 8.02 20.87 -15.13
C ILE C 136 7.69 21.52 -13.80
N THR C 137 6.40 21.66 -13.51
CA THR C 137 5.97 22.20 -12.23
C THR C 137 5.02 21.24 -11.54
N PHE C 138 5.39 20.86 -10.32
CA PHE C 138 4.54 20.08 -9.43
C PHE C 138 3.83 21.04 -8.47
N SER C 139 2.69 20.62 -7.95
CA SER C 139 1.93 21.49 -7.05
C SER C 139 1.11 20.74 -6.02
N ALA C 140 0.85 21.41 -4.90
CA ALA C 140 -0.01 20.89 -3.85
C ALA C 140 -0.75 22.05 -3.20
N ALA C 141 -2.01 21.83 -2.88
CA ALA C 141 -2.82 22.85 -2.24
C ALA C 141 -3.44 22.29 -0.98
N SER C 142 -3.45 23.09 0.09
CA SER C 142 -4.11 22.69 1.31
C SER C 142 -5.61 22.82 1.14
N ASP C 143 -6.33 21.90 1.76
CA ASP C 143 -7.79 21.85 1.67
C ASP C 143 -8.44 22.90 2.58
N ARG C 144 -8.00 22.94 3.83
CA ARG C 144 -8.64 23.75 4.87
C ARG C 144 -8.07 25.17 4.95
N ASN C 145 -6.91 25.35 4.33
CA ASN C 145 -6.24 26.64 4.33
C ASN C 145 -6.03 27.03 2.87
N ASN C 146 -6.33 28.26 2.51
CA ASN C 146 -6.12 28.71 1.14
C ASN C 146 -4.64 28.97 0.84
N VAL C 147 -3.84 27.92 1.04
CA VAL C 147 -2.40 27.99 0.79
C VAL C 147 -1.96 26.80 -0.06
N GLY C 148 -1.00 27.03 -0.94
CA GLY C 148 -0.48 25.95 -1.79
C GLY C 148 0.95 26.25 -2.20
N SER C 149 1.66 25.23 -2.66
CA SER C 149 3.03 25.38 -3.14
C SER C 149 3.20 24.84 -4.56
N ILE C 150 4.13 25.47 -5.29
CA ILE C 150 4.65 24.93 -6.53
C ILE C 150 6.14 24.62 -6.43
N LEU C 151 6.53 23.44 -6.92
CA LEU C 151 7.93 23.09 -7.11
C LEU C 151 8.22 23.13 -8.61
N SER C 152 9.02 24.09 -9.03
CA SER C 152 9.35 24.25 -10.44
C SER C 152 10.78 23.86 -10.72
N ILE C 153 10.97 23.09 -11.77
CA ILE C 153 12.28 22.66 -12.18
C ILE C 153 12.45 22.91 -13.68
N GLY C 154 13.28 23.90 -14.01
CA GLY C 154 13.63 24.16 -15.40
C GLY C 154 14.88 23.38 -15.76
N GLY C 155 14.87 22.80 -16.95
CA GLY C 155 15.98 21.95 -17.41
C GLY C 155 15.60 21.21 -18.67
N LYS C 156 16.59 20.54 -19.26
CA LYS C 156 16.46 19.88 -20.57
C LYS C 156 15.71 18.55 -20.51
N GLU C 157 15.62 17.98 -19.32
CA GLU C 157 15.16 16.60 -19.11
C GLU C 157 13.64 16.36 -19.02
N PRO C 158 12.81 17.42 -18.96
CA PRO C 158 11.67 17.48 -18.03
C PRO C 158 11.01 16.13 -17.74
N GLY C 159 10.31 15.58 -18.73
CA GLY C 159 9.51 14.38 -18.53
C GLY C 159 10.18 13.08 -18.96
N ARG C 160 11.50 13.12 -19.20
CA ARG C 160 12.25 11.95 -19.68
C ARG C 160 12.19 10.76 -18.72
N ASN C 161 12.50 11.00 -17.45
CA ASN C 161 12.45 9.97 -16.42
C ASN C 161 11.09 9.97 -15.74
N ALA C 162 10.19 9.13 -16.25
CA ALA C 162 8.82 9.02 -15.76
C ALA C 162 8.75 8.66 -14.27
N ALA C 163 9.57 7.72 -13.83
CA ALA C 163 9.63 7.35 -12.42
C ALA C 163 9.93 8.55 -11.54
N LEU C 164 10.99 9.28 -11.89
CA LEU C 164 11.41 10.46 -11.12
C LEU C 164 10.31 11.52 -11.03
N VAL C 165 9.63 11.78 -12.14
CA VAL C 165 8.49 12.70 -12.15
C VAL C 165 7.44 12.24 -11.14
N ALA C 166 7.05 10.97 -11.20
CA ALA C 166 6.08 10.42 -10.27
C ALA C 166 6.57 10.50 -8.82
N MET C 167 7.85 10.22 -8.60
CA MET C 167 8.41 10.35 -7.24
C MET C 167 8.34 11.79 -6.72
N LEU C 168 8.80 12.74 -7.54
CA LEU C 168 8.77 14.15 -7.15
C LEU C 168 7.35 14.64 -6.97
N ASN C 169 6.42 14.13 -7.80
CA ASN C 169 5.02 14.51 -7.65
C ASN C 169 4.49 14.09 -6.28
N CYS C 170 4.83 12.87 -5.86
CA CYS C 170 4.39 12.39 -4.56
C CYS C 170 5.08 13.11 -3.41
N LEU C 171 6.32 13.54 -3.65
CA LEU C 171 7.08 14.28 -2.63
C LEU C 171 6.51 15.67 -2.40
N THR C 172 5.89 16.23 -3.43
CA THR C 172 5.54 17.66 -3.41
C THR C 172 4.61 18.11 -2.26
N PRO C 173 3.52 17.37 -1.95
CA PRO C 173 2.72 17.74 -0.77
C PRO C 173 3.50 17.83 0.54
N HIS C 174 4.53 17.01 0.67
CA HIS C 174 5.40 17.03 1.84
C HIS C 174 6.30 18.24 1.85
N LEU C 175 6.76 18.63 0.67
CA LEU C 175 7.51 19.89 0.52
C LEU C 175 6.65 21.09 0.85
N HIS C 176 5.39 21.05 0.43
CA HIS C 176 4.41 22.08 0.82
C HIS C 176 4.27 22.18 2.34
N GLN C 177 4.08 21.04 2.99
CA GLN C 177 3.98 21.07 4.45
C GLN C 177 5.25 21.61 5.12
N ALA C 178 6.41 21.23 4.60
CA ALA C 178 7.69 21.78 5.06
C ALA C 178 7.73 23.31 4.92
N ALA C 179 7.34 23.79 3.73
CA ALA C 179 7.31 25.23 3.47
C ALA C 179 6.38 25.97 4.44
N VAL C 180 5.24 25.35 4.77
CA VAL C 180 4.29 25.95 5.72
C VAL C 180 4.90 26.05 7.12
N ARG C 181 5.63 25.00 7.53
CA ARG C 181 6.38 25.04 8.81
C ARG C 181 7.40 26.15 8.86
N ILE C 182 8.12 26.33 7.76
CA ILE C 182 9.16 27.38 7.65
C ILE C 182 8.58 28.78 7.66
N ALA C 183 7.50 28.98 6.90
CA ALA C 183 6.86 30.29 6.78
C ALA C 183 6.20 30.77 8.08
N ASN C 184 5.78 29.81 8.92
CA ASN C 184 5.08 30.08 10.18
C ASN C 184 4.04 31.21 10.12
N GLY D 1 21.25 19.11 8.40
CA GLY D 1 20.06 19.57 9.20
C GLY D 1 19.27 18.44 9.87
N SER D 2 18.12 18.81 10.42
CA SER D 2 17.21 17.85 11.09
C SER D 2 16.77 16.71 10.17
N HIS D 3 16.79 16.94 8.86
CA HIS D 3 16.43 15.89 7.92
C HIS D 3 17.50 14.80 7.83
N MET D 4 18.75 15.19 8.13
CA MET D 4 19.88 14.26 8.11
C MET D 4 20.03 13.47 9.42
N ASN D 5 19.53 14.04 10.51
CA ASN D 5 19.54 13.37 11.81
C ASN D 5 18.23 12.61 12.07
N ALA D 6 17.37 12.53 11.04
CA ALA D 6 16.14 11.76 11.12
C ALA D 6 16.47 10.32 11.43
N ARG D 7 15.61 9.68 12.21
CA ARG D 7 15.81 8.27 12.55
C ARG D 7 15.89 7.39 11.31
N PRO D 8 16.71 6.33 11.39
CA PRO D 8 16.87 5.46 10.20
C PRO D 8 15.59 4.72 9.81
N LEU D 9 15.40 4.50 8.52
CA LEU D 9 14.28 3.68 8.06
C LEU D 9 14.52 2.23 8.49
N PRO D 10 13.44 1.46 8.75
CA PRO D 10 13.66 0.06 9.13
C PRO D 10 14.33 -0.75 8.02
N ALA D 11 15.36 -1.51 8.41
CA ALA D 11 16.18 -2.18 7.43
C ALA D 11 15.82 -3.65 7.18
N GLY D 12 14.88 -4.19 7.96
CA GLY D 12 14.48 -5.60 7.82
C GLY D 12 13.07 -5.84 7.30
N LEU D 13 12.53 -4.90 6.54
CA LEU D 13 11.15 -5.02 6.05
C LEU D 13 11.00 -5.79 4.74
N THR D 14 9.89 -6.51 4.61
CA THR D 14 9.53 -7.13 3.37
C THR D 14 9.04 -6.02 2.43
N ALA D 15 8.92 -6.34 1.14
CA ALA D 15 8.44 -5.35 0.17
C ALA D 15 7.05 -4.82 0.56
N SER D 16 6.19 -5.72 1.02
CA SER D 16 4.83 -5.32 1.40
C SER D 16 4.84 -4.45 2.65
N GLN D 17 5.72 -4.77 3.59
CA GLN D 17 5.82 -3.97 4.80
C GLN D 17 6.39 -2.59 4.49
N GLN D 18 7.37 -2.56 3.58
CA GLN D 18 7.96 -1.28 3.17
C GLN D 18 6.93 -0.42 2.43
N TRP D 19 6.10 -1.04 1.61
CA TRP D 19 5.01 -0.31 0.96
C TRP D 19 4.01 0.26 1.98
N THR D 20 3.66 -0.57 2.97
CA THR D 20 2.74 -0.13 4.03
C THR D 20 3.33 1.08 4.74
N LEU D 21 4.63 1.02 5.06
CA LEU D 21 5.27 2.16 5.73
C LEU D 21 5.25 3.44 4.88
N LEU D 22 5.57 3.28 3.59
CA LEU D 22 5.45 4.39 2.63
C LEU D 22 4.01 5.00 2.63
N GLU D 23 2.99 4.14 2.56
CA GLU D 23 1.63 4.61 2.63
C GLU D 23 1.34 5.40 3.89
N TRP D 24 1.78 4.85 5.03
CA TRP D 24 1.54 5.48 6.32
C TRP D 24 2.17 6.87 6.39
N ILE D 25 3.43 6.97 6.01
CA ILE D 25 4.13 8.27 6.10
C ILE D 25 3.55 9.28 5.10
N HIS D 26 3.25 8.81 3.88
CA HIS D 26 2.67 9.69 2.87
C HIS D 26 1.32 10.20 3.34
N MET D 27 0.47 9.29 3.82
CA MET D 27 -0.85 9.68 4.34
C MET D 27 -0.75 10.58 5.58
N ALA D 28 0.14 10.25 6.52
CA ALA D 28 0.25 11.09 7.73
C ALA D 28 0.57 12.54 7.34
N GLY D 29 1.36 12.72 6.29
CA GLY D 29 1.78 14.08 5.88
C GLY D 29 0.65 14.92 5.32
N HIS D 30 -0.49 14.27 5.06
CA HIS D 30 -1.69 14.94 4.56
C HIS D 30 -2.72 15.26 5.64
N ILE D 31 -2.50 14.76 6.86
CA ILE D 31 -3.43 14.96 7.96
C ILE D 31 -3.49 16.44 8.35
N GLU D 32 -4.69 17.02 8.33
CA GLU D 32 -4.86 18.43 8.71
C GLU D 32 -5.86 18.69 9.83
N THR D 33 -6.66 17.68 10.20
CA THR D 33 -7.67 17.83 11.27
C THR D 33 -7.55 16.69 12.28
N GLU D 34 -8.07 16.93 13.49
CA GLU D 34 -8.11 15.93 14.55
C GLU D 34 -8.90 14.70 14.10
N GLY D 35 -10.01 14.94 13.38
CA GLY D 35 -10.83 13.85 12.83
C GLY D 35 -10.05 12.95 11.88
N GLU D 36 -9.22 13.57 11.04
CA GLU D 36 -8.37 12.81 10.12
C GLU D 36 -7.29 12.05 10.86
N LEU D 37 -6.70 12.68 11.87
CA LEU D 37 -5.68 12.03 12.68
C LEU D 37 -6.26 10.81 13.41
N LYS D 38 -7.44 10.97 14.00
CA LYS D 38 -8.12 9.89 14.73
C LYS D 38 -8.44 8.73 13.77
N ALA D 39 -8.95 9.06 12.58
CA ALA D 39 -9.26 8.04 11.57
C ALA D 39 -7.99 7.27 11.17
N PHE D 40 -6.90 8.00 10.96
CA PHE D 40 -5.63 7.40 10.59
C PHE D 40 -5.15 6.46 11.69
N LEU D 41 -5.20 6.93 12.95
CA LEU D 41 -4.77 6.10 14.06
C LEU D 41 -5.66 4.85 14.28
N ASP D 42 -6.96 4.98 14.01
CA ASP D 42 -7.88 3.84 14.12
C ASP D 42 -7.50 2.77 13.12
N ASN D 43 -6.96 3.21 11.98
CA ASN D 43 -6.48 2.29 10.98
C ASN D 43 -5.18 1.60 11.42
N ILE D 44 -4.29 2.34 12.07
CA ILE D 44 -3.10 1.75 12.70
C ILE D 44 -3.49 0.62 13.67
N LEU D 45 -4.56 0.86 14.42
CA LEU D 45 -5.06 -0.08 15.40
C LEU D 45 -5.44 -1.44 14.80
N SER D 46 -5.83 -1.45 13.53
CA SER D 46 -6.21 -2.70 12.87
C SER D 46 -5.06 -3.71 12.71
N GLN D 47 -3.82 -3.25 12.96
CA GLN D 47 -2.63 -4.12 13.00
C GLN D 47 -2.40 -4.75 14.40
N ALA D 48 -3.08 -4.19 15.40
CA ALA D 48 -2.93 -4.60 16.78
C ALA D 48 -4.29 -4.42 17.48
N PRO D 49 -5.31 -5.19 17.03
CA PRO D 49 -6.69 -4.84 17.34
C PRO D 49 -7.10 -4.90 18.80
N SER D 50 -6.34 -5.62 19.62
CA SER D 50 -6.65 -5.72 21.06
C SER D 50 -5.81 -4.75 21.89
N ASP D 51 -4.96 -3.98 21.22
CA ASP D 51 -4.02 -3.13 21.94
C ASP D 51 -4.59 -1.78 22.31
N ARG D 52 -3.96 -1.15 23.29
CA ARG D 52 -4.48 0.12 23.83
C ARG D 52 -3.52 1.25 23.44
N ILE D 53 -4.02 2.17 22.60
CA ILE D 53 -3.16 3.15 21.95
C ILE D 53 -3.58 4.59 22.27
N ILE D 54 -2.59 5.45 22.49
CA ILE D 54 -2.85 6.88 22.69
C ILE D 54 -1.73 7.70 22.05
N LEU D 55 -2.04 8.93 21.65
CA LEU D 55 -1.02 9.86 21.15
C LEU D 55 -1.12 11.12 21.99
N VAL D 56 0.02 11.57 22.49
CA VAL D 56 0.04 12.75 23.33
C VAL D 56 1.11 13.69 22.81
N LEU D 57 0.71 14.95 22.59
CA LEU D 57 1.64 16.02 22.25
C LEU D 57 1.88 16.87 23.50
N GLY D 58 3.13 17.17 23.79
CA GLY D 58 3.48 17.89 25.00
C GLY D 58 4.46 19.01 24.76
N ARG D 59 4.45 19.98 25.68
CA ARG D 59 5.49 20.96 25.80
C ARG D 59 6.63 20.28 26.55
N LEU D 60 7.89 20.50 26.11
CA LEU D 60 9.02 19.82 26.72
C LEU D 60 9.83 20.79 27.58
N ASN D 61 10.53 20.23 28.57
CA ASN D 61 11.62 20.99 29.22
C ASN D 61 12.93 20.68 28.49
N ASN D 62 14.01 21.38 28.84
CA ASN D 62 15.29 21.22 28.13
C ASN D 62 15.78 19.76 27.96
N GLN D 63 15.33 18.88 28.86
CA GLN D 63 15.64 17.44 28.77
C GLN D 63 14.74 16.70 27.78
N ASN D 64 13.82 17.45 27.18
CA ASN D 64 12.83 16.90 26.25
C ASN D 64 11.90 15.89 26.92
N GLN D 65 11.68 16.09 28.22
CA GLN D 65 10.65 15.38 28.97
C GLN D 65 9.38 16.20 28.91
N ILE D 66 8.23 15.53 28.82
CA ILE D 66 6.95 16.23 28.83
C ILE D 66 6.71 16.91 30.18
N GLN D 67 6.60 18.24 30.14
CA GLN D 67 6.28 19.07 31.31
C GLN D 67 4.77 19.39 31.36
N ARG D 68 4.14 19.44 30.20
CA ARG D 68 2.72 19.74 30.10
C ARG D 68 2.10 19.11 28.85
N MET D 69 0.99 18.41 29.02
CA MET D 69 0.25 17.82 27.89
C MET D 69 -0.54 18.90 27.15
N GLU D 70 -0.29 19.02 25.84
CA GLU D 70 -0.92 20.06 25.02
C GLU D 70 -2.13 19.51 24.26
N LYS D 71 -2.01 18.27 23.81
CA LYS D 71 -3.12 17.60 23.14
C LYS D 71 -3.03 16.11 23.42
N VAL D 72 -4.16 15.52 23.79
CA VAL D 72 -4.26 14.06 23.97
C VAL D 72 -5.29 13.53 22.98
N LEU D 73 -4.89 12.54 22.19
CA LEU D 73 -5.80 11.92 21.28
C LEU D 73 -5.86 10.44 21.62
N ASN D 74 -6.97 10.04 22.24
CA ASN D 74 -7.17 8.64 22.55
C ASN D 74 -7.55 7.85 21.31
N VAL D 75 -6.97 6.66 21.19
CA VAL D 75 -7.36 5.69 20.17
C VAL D 75 -8.07 4.52 20.84
N SER D 76 -7.42 3.91 21.84
CA SER D 76 -8.03 2.74 22.48
C SER D 76 -7.61 2.52 23.94
N TYR D 77 -7.12 3.56 24.63
CA TYR D 77 -6.99 3.43 26.08
C TYR D 77 -8.40 3.28 26.68
N PRO D 78 -8.55 2.41 27.69
CA PRO D 78 -9.85 2.25 28.32
C PRO D 78 -10.31 3.54 29.01
N SER D 79 -11.60 3.85 28.89
CA SER D 79 -12.16 5.04 29.54
C SER D 79 -11.93 5.08 31.05
N ASP D 80 -12.08 3.93 31.72
CA ASP D 80 -11.85 3.86 33.19
C ASP D 80 -10.42 4.23 33.53
N TRP D 81 -9.49 3.73 32.73
CA TRP D 81 -8.08 4.00 32.97
C TRP D 81 -7.78 5.48 32.79
N LEU D 82 -8.26 6.06 31.69
CA LEU D 82 -8.04 7.48 31.43
C LEU D 82 -8.60 8.35 32.56
N ASN D 83 -9.78 8.00 33.05
CA ASN D 83 -10.37 8.78 34.17
C ASN D 83 -9.58 8.60 35.46
N GLN D 84 -9.15 7.38 35.73
CA GLN D 84 -8.32 7.15 36.90
C GLN D 84 -7.00 7.94 36.82
N TYR D 85 -6.38 7.93 35.63
CA TYR D 85 -5.13 8.62 35.38
C TYR D 85 -5.28 10.13 35.64
N SER D 86 -6.39 10.70 35.18
CA SER D 86 -6.64 12.12 35.37
C SER D 86 -6.93 12.45 36.84
N GLN D 87 -7.80 11.64 37.47
CA GLN D 87 -8.22 11.88 38.85
C GLN D 87 -7.06 11.70 39.84
N GLU D 88 -6.14 10.79 39.52
CA GLU D 88 -5.01 10.52 40.41
C GLU D 88 -3.79 11.34 40.05
N ASN D 89 -3.90 12.15 38.99
CA ASN D 89 -2.77 12.87 38.41
C ASN D 89 -1.55 11.95 38.28
N PHE D 90 -1.78 10.80 37.66
CA PHE D 90 -0.77 9.75 37.56
C PHE D 90 0.47 10.18 36.76
N ALA D 91 0.37 11.28 36.02
CA ALA D 91 1.51 11.75 35.22
C ALA D 91 2.71 12.05 36.11
N GLN D 92 2.42 12.41 37.36
CA GLN D 92 3.47 12.68 38.36
C GLN D 92 4.25 11.42 38.77
N HIS D 93 3.59 10.27 38.68
CA HIS D 93 4.13 8.98 39.15
C HIS D 93 4.50 7.98 38.05
N ASP D 94 3.96 8.20 36.85
CA ASP D 94 4.16 7.30 35.73
C ASP D 94 5.62 7.34 35.22
N PRO D 95 6.37 6.21 35.37
CA PRO D 95 7.74 6.15 34.85
C PRO D 95 7.85 6.46 33.36
N ILE D 96 6.76 6.26 32.62
CA ILE D 96 6.78 6.53 31.19
C ILE D 96 6.78 8.04 30.89
N MET D 97 6.19 8.85 31.78
CA MET D 97 6.16 10.29 31.53
C MET D 97 7.52 10.95 31.79
N ARG D 98 8.46 10.16 32.31
CA ARG D 98 9.81 10.61 32.65
C ARG D 98 10.80 10.38 31.50
N ILE D 99 10.34 9.80 30.40
CA ILE D 99 11.23 9.48 29.29
C ILE D 99 11.73 10.75 28.58
N HIS D 100 12.95 10.67 28.04
CA HIS D 100 13.52 11.76 27.25
C HIS D 100 13.07 11.55 25.80
N LEU D 101 12.16 12.40 25.33
CA LEU D 101 11.52 12.17 24.02
C LEU D 101 12.48 12.33 22.82
N GLY D 102 12.43 11.36 21.91
CA GLY D 102 13.27 11.37 20.70
C GLY D 102 14.10 10.12 20.53
N GLN D 103 14.19 9.33 21.60
CA GLN D 103 14.93 8.06 21.57
C GLN D 103 14.14 6.97 20.86
N GLY D 104 14.63 5.73 20.96
CA GLY D 104 13.93 4.58 20.38
C GLY D 104 12.80 4.10 21.29
N PRO D 105 12.14 3.00 20.92
CA PRO D 105 11.00 2.48 21.68
C PRO D 105 11.33 2.11 23.13
N VAL D 106 10.52 2.57 24.07
CA VAL D 106 10.72 2.28 25.49
C VAL D 106 9.75 1.20 25.94
N ILE D 107 10.30 0.08 26.40
CA ILE D 107 9.50 -1.06 26.85
C ILE D 107 9.12 -0.82 28.28
N TRP D 108 7.82 -0.86 28.56
CA TRP D 108 7.34 -0.47 29.89
C TRP D 108 7.90 -1.33 31.02
N GLU D 109 7.96 -2.64 30.81
CA GLU D 109 8.46 -3.58 31.81
C GLU D 109 9.88 -3.22 32.24
N GLU D 110 10.67 -2.71 31.31
CA GLU D 110 12.05 -2.29 31.58
C GLU D 110 12.13 -1.03 32.47
N ARG D 111 11.21 -0.08 32.29
CA ARG D 111 11.13 1.08 33.20
C ARG D 111 10.48 0.71 34.53
N PHE D 112 9.47 -0.14 34.46
CA PHE D 112 8.72 -0.58 35.64
C PHE D 112 9.57 -1.37 36.64
N SER D 113 10.51 -2.17 36.12
CA SER D 113 11.44 -2.95 36.95
C SER D 113 12.44 -2.07 37.70
N ARG D 114 12.66 -0.86 37.18
CA ARG D 114 13.61 0.08 37.79
C ARG D 114 12.95 1.04 38.78
N ALA D 115 11.63 0.95 38.93
CA ALA D 115 10.89 1.83 39.84
C ALA D 115 11.29 1.61 41.28
N LYS D 116 11.55 2.72 41.97
CA LYS D 116 11.98 2.68 43.37
C LYS D 116 10.94 3.26 44.33
N GLY D 117 10.24 4.30 43.87
CA GLY D 117 9.27 5.01 44.70
C GLY D 117 8.00 4.23 44.98
N SER D 118 7.47 4.43 46.19
CA SER D 118 6.24 3.76 46.64
C SER D 118 5.04 4.14 45.77
N GLU D 119 4.94 5.43 45.45
CA GLU D 119 3.86 5.93 44.57
C GLU D 119 4.01 5.37 43.17
N GLU D 120 5.25 5.30 42.69
CA GLU D 120 5.52 4.74 41.36
C GLU D 120 5.16 3.25 41.32
N LYS D 121 5.45 2.54 42.40
CA LYS D 121 5.05 1.14 42.54
C LYS D 121 3.53 0.96 42.56
N ARG D 122 2.83 1.82 43.31
CA ARG D 122 1.37 1.80 43.34
C ARG D 122 0.80 2.05 41.95
N PHE D 123 1.39 3.01 41.22
CA PHE D 123 0.99 3.27 39.85
C PHE D 123 1.09 2.02 38.98
N ILE D 124 2.24 1.35 39.05
CA ILE D 124 2.47 0.13 38.25
C ILE D 124 1.44 -0.94 38.57
N ALA D 125 1.14 -1.11 39.86
CA ALA D 125 0.13 -2.07 40.32
C ALA D 125 -1.26 -1.75 39.78
N GLU D 126 -1.64 -0.46 39.83
CA GLU D 126 -2.91 0.00 39.26
C GLU D 126 -2.96 -0.19 37.74
N ALA D 127 -1.87 0.18 37.08
CA ALA D 127 -1.75 0.01 35.63
C ALA D 127 -1.89 -1.46 35.26
N SER D 128 -1.19 -2.35 35.98
CA SER D 128 -1.29 -3.79 35.73
C SER D 128 -2.71 -4.30 35.93
N SER D 129 -3.35 -3.83 37.00
CA SER D 129 -4.75 -4.14 37.30
C SER D 129 -5.71 -3.75 36.16
N ASN D 130 -5.33 -2.71 35.41
CA ASN D 130 -6.13 -2.21 34.28
C ASN D 130 -5.70 -2.73 32.91
N GLY D 131 -4.87 -3.76 32.89
CA GLY D 131 -4.41 -4.36 31.62
C GLY D 131 -3.40 -3.48 30.92
N MET D 132 -2.75 -2.60 31.70
CA MET D 132 -1.78 -1.64 31.19
C MET D 132 -0.41 -1.90 31.78
N GLY D 133 -0.20 -3.14 32.23
CA GLY D 133 1.06 -3.58 32.82
C GLY D 133 2.20 -3.76 31.83
N SER D 134 1.86 -4.01 30.58
CA SER D 134 2.87 -4.20 29.54
C SER D 134 2.54 -3.36 28.31
N GLY D 135 3.60 -2.86 27.67
CA GLY D 135 3.49 -2.08 26.47
C GLY D 135 4.81 -1.46 26.04
N ILE D 136 4.68 -0.50 25.14
CA ILE D 136 5.81 0.15 24.50
C ILE D 136 5.48 1.60 24.18
N THR D 137 6.46 2.48 24.29
CA THR D 137 6.26 3.90 23.97
C THR D 137 7.29 4.44 22.97
N PHE D 138 6.79 4.94 21.84
CA PHE D 138 7.61 5.58 20.80
C PHE D 138 7.58 7.09 21.01
N SER D 139 8.58 7.81 20.54
CA SER D 139 8.63 9.26 20.79
C SER D 139 9.37 10.08 19.73
N ALA D 140 9.02 11.37 19.64
CA ALA D 140 9.65 12.29 18.68
C ALA D 140 9.55 13.72 19.19
N ALA D 141 10.60 14.50 18.95
CA ALA D 141 10.66 15.86 19.48
C ALA D 141 11.14 16.89 18.45
N SER D 142 10.64 18.12 18.62
CA SER D 142 11.29 19.29 18.03
C SER D 142 12.13 20.01 19.10
N ASP D 143 13.38 19.57 19.18
CA ASP D 143 14.51 20.24 19.86
C ASP D 143 14.43 21.77 19.85
N ARG D 144 14.17 22.29 18.66
CA ARG D 144 14.01 23.70 18.38
C ARG D 144 12.76 24.28 19.05
N ASN D 145 11.61 23.63 18.81
CA ASN D 145 10.32 24.18 19.23
C ASN D 145 9.84 23.78 20.63
N ASN D 146 10.66 23.03 21.36
CA ASN D 146 10.31 22.54 22.71
C ASN D 146 8.95 21.84 22.77
N VAL D 147 8.60 21.16 21.68
CA VAL D 147 7.40 20.30 21.58
C VAL D 147 7.77 18.92 21.07
N GLY D 148 7.07 17.91 21.54
CA GLY D 148 7.31 16.52 21.13
C GLY D 148 6.07 15.69 21.42
N SER D 149 6.02 14.50 20.84
CA SER D 149 4.88 13.60 20.97
C SER D 149 5.32 12.19 21.38
N ILE D 150 4.45 11.50 22.12
CA ILE D 150 4.59 10.06 22.38
C ILE D 150 3.41 9.27 21.79
N LEU D 151 3.72 8.14 21.15
CA LEU D 151 2.73 7.17 20.75
C LEU D 151 2.89 5.98 21.68
N SER D 152 1.88 5.73 22.51
CA SER D 152 1.95 4.70 23.54
C SER D 152 1.04 3.55 23.19
N ILE D 153 1.55 2.33 23.35
CA ILE D 153 0.75 1.15 23.07
C ILE D 153 0.84 0.12 24.20
N GLY D 154 -0.27 -0.08 24.90
CA GLY D 154 -0.36 -1.12 25.92
C GLY D 154 -0.92 -2.39 25.30
N GLY D 155 -0.33 -3.52 25.64
CA GLY D 155 -0.80 -4.78 25.09
C GLY D 155 0.12 -5.93 25.45
N LYS D 156 -0.34 -7.14 25.15
CA LYS D 156 0.45 -8.34 25.42
C LYS D 156 1.64 -8.45 24.46
N GLU D 157 2.74 -9.01 24.96
CA GLU D 157 3.99 -9.21 24.20
C GLU D 157 4.40 -8.01 23.33
N PRO D 158 4.78 -6.88 23.98
CA PRO D 158 5.07 -5.64 23.26
C PRO D 158 6.19 -5.78 22.21
N GLY D 159 7.15 -6.67 22.45
CA GLY D 159 8.10 -7.07 21.41
C GLY D 159 7.37 -7.89 20.36
N ARG D 160 7.80 -9.13 20.17
CA ARG D 160 7.10 -10.09 19.29
C ARG D 160 7.01 -9.66 17.83
N ASN D 161 6.30 -8.57 17.54
CA ASN D 161 6.14 -8.10 16.17
C ASN D 161 7.21 -7.06 15.81
N ALA D 162 8.42 -7.54 15.53
CA ALA D 162 9.57 -6.64 15.33
C ALA D 162 9.41 -5.66 14.15
N ALA D 163 8.81 -6.13 13.05
CA ALA D 163 8.60 -5.27 11.89
C ALA D 163 7.64 -4.13 12.23
N LEU D 164 6.50 -4.48 12.83
CA LEU D 164 5.49 -3.49 13.20
C LEU D 164 6.07 -2.46 14.16
N VAL D 165 6.81 -2.93 15.16
CA VAL D 165 7.43 -2.02 16.11
C VAL D 165 8.36 -1.05 15.38
N ALA D 166 9.22 -1.57 14.51
CA ALA D 166 10.13 -0.71 13.75
C ALA D 166 9.38 0.27 12.85
N MET D 167 8.31 -0.19 12.20
CA MET D 167 7.51 0.69 11.35
C MET D 167 6.87 1.82 12.14
N LEU D 168 6.24 1.47 13.28
CA LEU D 168 5.59 2.48 14.12
C LEU D 168 6.59 3.47 14.67
N ASN D 169 7.79 2.97 14.99
CA ASN D 169 8.83 3.86 15.48
C ASN D 169 9.18 4.90 14.43
N CYS D 170 9.29 4.45 13.19
CA CYS D 170 9.60 5.31 12.08
C CYS D 170 8.50 6.32 11.79
N LEU D 171 7.25 5.88 11.96
CA LEU D 171 6.07 6.70 11.71
C LEU D 171 5.90 7.85 12.71
N THR D 172 6.41 7.64 13.91
CA THR D 172 6.12 8.53 15.05
C THR D 172 6.45 10.03 14.82
N PRO D 173 7.65 10.37 14.28
CA PRO D 173 7.86 11.81 14.00
C PRO D 173 6.83 12.46 13.07
N HIS D 174 6.25 11.65 12.16
CA HIS D 174 5.19 12.15 11.28
C HIS D 174 3.86 12.34 12.00
N LEU D 175 3.56 11.46 12.94
CA LEU D 175 2.40 11.67 13.83
C LEU D 175 2.57 12.93 14.65
N HIS D 176 3.79 13.15 15.13
CA HIS D 176 4.12 14.36 15.85
C HIS D 176 3.81 15.60 15.00
N GLN D 177 4.30 15.63 13.77
CA GLN D 177 4.09 16.83 12.93
C GLN D 177 2.59 17.03 12.65
N ALA D 178 1.87 15.93 12.46
CA ALA D 178 0.42 16.01 12.27
C ALA D 178 -0.26 16.57 13.50
N ALA D 179 0.14 16.09 14.69
CA ALA D 179 -0.43 16.59 15.94
C ALA D 179 -0.20 18.09 16.10
N VAL D 180 1.01 18.53 15.73
CA VAL D 180 1.35 19.96 15.78
C VAL D 180 0.44 20.77 14.88
N ARG D 181 0.20 20.28 13.66
CA ARG D 181 -0.71 20.96 12.70
C ARG D 181 -2.14 21.07 13.24
N ILE D 182 -2.56 20.04 13.96
CA ILE D 182 -3.90 19.89 14.52
C ILE D 182 -4.11 20.81 15.71
N ALA D 183 -3.04 21.02 16.48
CA ALA D 183 -3.08 21.84 17.70
C ALA D 183 -2.89 23.32 17.41
N ASN D 184 -2.56 23.63 16.15
CA ASN D 184 -2.19 24.98 15.70
C ASN D 184 -0.83 25.39 16.28
#